data_8OX5
#
_entry.id   8OX5
#
_cell.length_a   1.00
_cell.length_b   1.00
_cell.length_c   1.00
_cell.angle_alpha   90.00
_cell.angle_beta   90.00
_cell.angle_gamma   90.00
#
_symmetry.space_group_name_H-M   'P 1'
#
loop_
_entity.id
_entity.type
_entity.pdbx_description
1 polymer 'Phospholipid-transporting ATPase IC'
2 polymer 'Cell cycle control protein 50A'
3 branched beta-D-mannopyranose-(1-4)-2-acetamido-2-deoxy-beta-D-glucopyranose-(1-4)-2-acetamido-2-deoxy-beta-D-glucopyranose
4 non-polymer "ADENOSINE-5'-DIPHOSPHATE"
5 non-polymer 'TETRAFLUOROALUMINATE ION'
6 non-polymer 'MAGNESIUM ION'
7 non-polymer 2-acetamido-2-deoxy-beta-D-glucopyranose
8 water water
#
loop_
_entity_poly.entity_id
_entity_poly.type
_entity_poly.pdbx_seq_one_letter_code
_entity_poly.pdbx_strand_id
1 'polypeptide(L)'
;MSTERDSETTFDEDSQPNDEVVPYSDDETEDELDDQGSAVEPEQNRVNREAEENREPFRKECTWQVKANDRKYHEQPHFM
NTKFLCIKESKYANNAIKTYKYNAFTFIPMNLFEQFKRAANLYFLALLILQAVPQISTLAWYTTLVPLLVVLGVTAIKDL
VDDVARHKMDKEINNRTCEVIKDGRFKVAKWKEIQVGDVIRLKKNDFVPADILLLSSSEPNSLCYVETAELDGETNLKFK
MSLEITDQYLQREDTLATFDGFIECEEPNNRLDKFTGTLFWRNTSFPLDADKILLRGCVIRNTDFCHGLVIFAGADTKIM
KNSGKTRFKRTKIDYLMNYMVYTIFVVLILLSAGLAIGHAYWEAQVGNSSWYLYDGEDDTPSYRGFLIFWGYIIVLNTMV
PISLYVSVEVIRLGQSHFINWDLQMYYAEKDTPAKARTTTLNEQLGQIHYIFSDKTGTLTQNIMTFKKCCINGQIYGDHR
DASQHNHNKIEQVDFSWNTYADGKLAFYDHYLIEQIQSGKEPEVRQFFFLLAVCHTVMVDRTDGQLNYQAASPDEGALVN
AARNFGFAFLARTQNTITISELGTERTYNVLAILDFNSDRKRMSIIVRTPEGNIKLYCKGADTVIYERLHRMNPTKQETQ
DALDIFANETLRTLCLCYKEIEEKEFTEWNKKFMAASVASTNRDEALDKVYEEIEKDLILLGATAIEDKLQDGVPETISK
LAKADIKIWVLTGDKKETAENIGFACELLTEDTTICYGEDINSLLHARMENQRNRGGVYAKFAPPVQESFFPPGGNRALI
ITGSWLNEILLEKKTKRNKILKLKFPRTEEERRMRTQSKRRLEAKKEQRQKNFVDLACECSAVICCRVTPKQKAMVVDLV
KRYKKAITLAIGDGANDVNMIKTAHIGVGISGQEGMQAVMSSDYSFAQFRYLQRLLLVHGRWSYIRMCKFLRYFFYKNFA
FTLVHFWYSFFNGYSAQTAYEDWFITLYNVLYTSLPVLLMGLLDQDVSDKLSLRFPGLYIVGQRDLLFNYKRFFVSLLHG
VLTSMILFFIPLGAYLQTVGQDGEAPSDYQSFAVTIASALVITVNFQIGLDTSYWTFVNAFSIFGSIALYFGIMFDFHSA
GIHVLFPSAFQFTGTASNALRQPYIWLTIILTVAVCLLPVVAIRFLSMTIWPSESDKIQKHRKRL
;
A
2 'polypeptide(L)'
;MLGGMAMNYNAKDEVDGGPPCAPGGTAKTRRPDNTAFKQQRLPAWQPILTAGTVLPIFFIIGLIFIPIGIGIFVTSNNIR
EIEIDYTGTEPSSPCNKCLSPDVTPCFCTINFTLEKSFEGNVFMYYGLSNFYQNHRRYVKSRDDSQLNGDSSALLNPSKE
CEPYRRNEDKPIAPCGAIANSMFNDTLELFLIGNDSYPIPIALKKKGIAWWTDKNVKFRNPPGGDNLEERFKGTTKPVNW
LKPVYMLDSDPDNNGFINEDFIVWMRTAALPTFRKLYRLIERKSDLHPTLPAGRYSLNVTYNYPVHYFDGRKRMILSTIS
WMGGKNPFLGIAYIAVGSISFLLGVVLLVINHKYRNSSNTADITI
;
B
#
# COMPACT_ATOMS: atom_id res chain seq x y z
N THR A 106 0.84 -25.30 16.15
CA THR A 106 -0.30 -24.48 16.57
C THR A 106 -0.35 -23.19 15.77
N PHE A 107 -1.56 -22.68 15.56
CA PHE A 107 -1.76 -21.44 14.80
C PHE A 107 -1.99 -20.23 15.69
N ILE A 108 -2.32 -20.42 16.96
CA ILE A 108 -2.47 -19.28 17.88
C ILE A 108 -1.18 -18.48 17.98
N PRO A 109 0.02 -19.07 18.05
CA PRO A 109 1.22 -18.22 18.18
C PRO A 109 1.42 -17.30 16.98
N MET A 110 0.88 -17.67 15.82
CA MET A 110 1.10 -16.85 14.62
C MET A 110 0.50 -15.46 14.80
N ASN A 111 -0.72 -15.38 15.33
CA ASN A 111 -1.38 -14.10 15.53
C ASN A 111 -0.81 -13.33 16.72
N LEU A 112 -0.23 -14.02 17.70
CA LEU A 112 0.26 -13.33 18.90
C LEU A 112 1.30 -12.29 18.54
N PHE A 113 2.33 -12.68 17.79
CA PHE A 113 3.32 -11.72 17.34
C PHE A 113 2.86 -10.91 16.14
N GLU A 114 1.78 -11.33 15.47
CA GLU A 114 1.22 -10.54 14.38
C GLU A 114 0.70 -9.20 14.88
N GLN A 115 0.29 -9.13 16.16
CA GLN A 115 -0.33 -7.94 16.70
C GLN A 115 0.68 -7.00 17.36
N PHE A 116 1.52 -7.54 18.25
CA PHE A 116 2.34 -6.68 19.12
C PHE A 116 3.31 -5.83 18.30
N LYS A 117 4.00 -6.43 17.33
CA LYS A 117 5.06 -5.72 16.64
C LYS A 117 4.50 -4.55 15.82
N ARG A 118 3.33 -4.71 15.23
CA ARG A 118 2.77 -3.68 14.37
C ARG A 118 2.07 -2.62 15.20
N ALA A 119 2.21 -1.36 14.78
CA ALA A 119 1.64 -0.25 15.54
C ALA A 119 0.11 -0.33 15.57
N ALA A 120 -0.51 -0.62 14.43
CA ALA A 120 -1.97 -0.58 14.34
C ALA A 120 -2.63 -1.88 14.73
N ASN A 121 -1.96 -3.03 14.54
CA ASN A 121 -2.62 -4.29 14.84
C ASN A 121 -2.98 -4.40 16.31
N LEU A 122 -2.20 -3.75 17.19
CA LEU A 122 -2.58 -3.65 18.59
C LEU A 122 -3.55 -2.51 18.82
N TYR A 123 -3.46 -1.45 18.01
CA TYR A 123 -4.44 -0.36 18.08
C TYR A 123 -5.87 -0.89 18.07
N PHE A 124 -6.25 -1.55 16.97
CA PHE A 124 -7.62 -2.03 16.87
C PHE A 124 -7.93 -3.11 17.89
N LEU A 125 -6.90 -3.72 18.48
CA LEU A 125 -7.14 -4.60 19.63
C LEU A 125 -7.43 -3.79 20.88
N ALA A 126 -6.70 -2.69 21.09
CA ALA A 126 -7.01 -1.79 22.19
C ALA A 126 -8.39 -1.18 22.02
N LEU A 127 -8.81 -0.94 20.79
CA LEU A 127 -10.12 -0.36 20.54
C LEU A 127 -11.23 -1.37 20.80
N LEU A 128 -11.00 -2.65 20.48
CA LEU A 128 -12.07 -3.64 20.60
C LEU A 128 -12.56 -3.72 22.05
N ILE A 129 -11.65 -3.69 23.02
CA ILE A 129 -12.07 -3.61 24.41
C ILE A 129 -12.77 -2.27 24.66
N LEU A 130 -12.35 -1.22 23.96
CA LEU A 130 -12.98 0.08 24.12
C LEU A 130 -14.45 0.01 23.72
N GLN A 131 -14.77 -0.70 22.64
CA GLN A 131 -16.16 -0.89 22.24
C GLN A 131 -16.84 -2.03 22.97
N ALA A 132 -16.12 -2.77 23.82
CA ALA A 132 -16.73 -3.92 24.47
C ALA A 132 -17.68 -3.50 25.59
N VAL A 133 -17.29 -2.51 26.39
CA VAL A 133 -18.11 -2.12 27.53
C VAL A 133 -19.34 -1.37 27.03
N PRO A 134 -20.56 -1.70 27.48
CA PRO A 134 -21.74 -0.94 27.03
C PRO A 134 -21.73 0.53 27.42
N GLN A 135 -20.86 0.94 28.34
CA GLN A 135 -20.84 2.35 28.75
C GLN A 135 -20.50 3.26 27.58
N ILE A 136 -19.58 2.83 26.71
CA ILE A 136 -19.14 3.66 25.60
C ILE A 136 -19.30 2.92 24.28
N SER A 137 -20.27 2.01 24.23
CA SER A 137 -20.52 1.22 23.03
C SER A 137 -21.29 2.08 22.03
N THR A 138 -20.55 2.85 21.23
CA THR A 138 -21.15 3.66 20.17
C THR A 138 -21.20 2.86 18.87
N LEU A 139 -20.05 2.36 18.43
CA LEU A 139 -19.95 1.48 17.27
C LEU A 139 -19.74 0.05 17.75
N ALA A 140 -20.57 -0.86 17.26
CA ALA A 140 -20.51 -2.25 17.72
C ALA A 140 -19.14 -2.84 17.45
N TRP A 141 -18.88 -3.98 18.11
CA TRP A 141 -17.62 -4.69 17.89
C TRP A 141 -17.56 -5.32 16.50
N TYR A 142 -18.71 -5.54 15.86
CA TYR A 142 -18.71 -5.98 14.46
C TYR A 142 -17.86 -5.04 13.61
N THR A 143 -18.02 -3.74 13.83
CA THR A 143 -17.36 -2.74 12.99
C THR A 143 -15.85 -2.95 12.92
N THR A 144 -15.26 -3.50 13.98
CA THR A 144 -13.82 -3.72 14.01
C THR A 144 -13.42 -5.17 14.05
N LEU A 145 -14.22 -6.04 14.68
CA LEU A 145 -13.86 -7.45 14.77
C LEU A 145 -13.86 -8.11 13.40
N VAL A 146 -14.94 -7.92 12.64
CA VAL A 146 -15.05 -8.58 11.34
C VAL A 146 -13.95 -8.14 10.39
N PRO A 147 -13.72 -6.86 10.15
CA PRO A 147 -12.55 -6.47 9.34
C PRO A 147 -11.21 -6.78 9.99
N LEU A 148 -11.16 -6.99 11.30
CA LEU A 148 -9.91 -7.36 11.95
C LEU A 148 -9.57 -8.83 11.71
N LEU A 149 -10.58 -9.70 11.62
CA LEU A 149 -10.30 -11.09 11.32
C LEU A 149 -9.74 -11.25 9.91
N VAL A 150 -10.31 -10.52 8.94
CA VAL A 150 -9.87 -10.63 7.55
C VAL A 150 -8.44 -10.14 7.41
N VAL A 151 -8.14 -8.97 7.98
CA VAL A 151 -6.80 -8.41 7.86
C VAL A 151 -5.78 -9.32 8.55
N LEU A 152 -6.15 -9.91 9.68
CA LEU A 152 -5.28 -10.85 10.37
C LEU A 152 -5.44 -12.28 9.87
N GLY A 153 -6.59 -12.62 9.30
CA GLY A 153 -6.83 -13.97 8.84
C GLY A 153 -6.05 -14.32 7.59
N VAL A 154 -6.36 -13.65 6.49
CA VAL A 154 -5.69 -13.96 5.24
C VAL A 154 -4.20 -13.63 5.33
N THR A 155 -3.85 -12.60 6.11
CA THR A 155 -2.44 -12.29 6.29
C THR A 155 -1.69 -13.47 6.90
N ALA A 156 -2.33 -14.23 7.77
CA ALA A 156 -1.73 -15.45 8.28
C ALA A 156 -1.72 -16.55 7.22
N ILE A 157 -2.79 -16.62 6.41
CA ILE A 157 -2.83 -17.60 5.33
C ILE A 157 -1.71 -17.36 4.34
N LYS A 158 -1.46 -16.10 4.00
CA LYS A 158 -0.38 -15.78 3.07
C LYS A 158 0.98 -16.18 3.62
N ASP A 159 1.10 -16.38 4.93
CA ASP A 159 2.34 -16.84 5.55
C ASP A 159 2.24 -18.25 6.13
N LEU A 160 1.04 -18.76 6.37
CA LEU A 160 0.90 -20.12 6.87
C LEU A 160 1.34 -21.15 5.83
N VAL A 161 1.21 -20.82 4.54
CA VAL A 161 1.64 -21.76 3.50
C VAL A 161 3.13 -22.03 3.62
N ASP A 162 3.92 -21.00 3.94
CA ASP A 162 5.37 -21.19 4.07
C ASP A 162 5.68 -22.17 5.20
N ASP A 163 5.05 -21.98 6.36
CA ASP A 163 5.31 -22.87 7.50
C ASP A 163 4.87 -24.30 7.18
N VAL A 164 3.74 -24.46 6.52
CA VAL A 164 3.27 -25.80 6.16
C VAL A 164 4.27 -26.46 5.21
N ALA A 165 4.82 -25.69 4.27
CA ALA A 165 5.82 -26.24 3.37
C ALA A 165 7.06 -26.70 4.12
N ARG A 166 7.53 -25.91 5.09
CA ARG A 166 8.73 -26.27 5.82
C ARG A 166 8.53 -27.56 6.62
N HIS A 167 7.35 -27.71 7.25
CA HIS A 167 7.10 -28.91 8.04
C HIS A 167 7.18 -30.17 7.17
N LYS A 168 6.58 -30.12 5.98
CA LYS A 168 6.64 -31.28 5.09
C LYS A 168 8.08 -31.58 4.70
N MET A 169 8.82 -30.57 4.22
CA MET A 169 10.18 -30.81 3.76
C MET A 169 11.06 -31.37 4.87
N ASP A 170 10.78 -31.02 6.12
CA ASP A 170 11.62 -31.43 7.23
C ASP A 170 11.33 -32.85 7.73
N LYS A 171 10.14 -33.40 7.42
CA LYS A 171 9.75 -34.68 7.99
C LYS A 171 10.10 -35.85 7.08
N GLU A 172 9.55 -35.88 5.86
CA GLU A 172 9.87 -36.98 4.95
C GLU A 172 11.36 -37.05 4.61
N ILE A 173 12.10 -35.96 4.78
CA ILE A 173 13.54 -36.02 4.60
C ILE A 173 14.20 -36.85 5.70
N ASN A 174 13.67 -36.75 6.93
CA ASN A 174 14.25 -37.47 8.07
C ASN A 174 13.40 -38.69 8.44
N PHE A 328 16.70 -7.42 10.36
CA PHE A 328 15.64 -7.82 9.43
C PHE A 328 15.29 -6.66 8.51
N LYS A 329 15.00 -6.97 7.25
CA LYS A 329 14.78 -5.93 6.26
C LYS A 329 13.41 -5.29 6.46
N ARG A 330 13.39 -3.96 6.52
CA ARG A 330 12.17 -3.18 6.67
C ARG A 330 12.11 -2.13 5.57
N THR A 331 10.89 -1.77 5.19
CA THR A 331 10.65 -0.91 4.05
C THR A 331 10.52 0.55 4.46
N LYS A 332 10.88 1.45 3.54
CA LYS A 332 10.66 2.88 3.78
C LYS A 332 9.17 3.18 3.87
N ILE A 333 8.36 2.57 3.00
CA ILE A 333 6.92 2.79 3.05
C ILE A 333 6.36 2.23 4.35
N ASP A 334 6.92 1.13 4.84
CA ASP A 334 6.46 0.57 6.11
C ASP A 334 6.71 1.54 7.25
N TYR A 335 7.86 2.22 7.22
CA TYR A 335 8.15 3.21 8.26
C TYR A 335 7.17 4.37 8.21
N LEU A 336 6.83 4.85 7.01
CA LEU A 336 5.87 5.94 6.90
C LEU A 336 4.50 5.53 7.42
N MET A 337 4.00 4.37 7.01
CA MET A 337 2.66 3.97 7.42
C MET A 337 2.54 3.90 8.95
N ASN A 338 3.56 3.38 9.63
CA ASN A 338 3.53 3.39 11.08
C ASN A 338 3.40 4.81 11.61
N TYR A 339 4.15 5.75 11.03
CA TYR A 339 4.03 7.14 11.45
C TYR A 339 2.68 7.72 11.09
N MET A 340 2.09 7.29 9.97
CA MET A 340 0.78 7.80 9.59
C MET A 340 -0.29 7.37 10.59
N VAL A 341 -0.24 6.10 11.01
CA VAL A 341 -1.20 5.62 12.01
C VAL A 341 -1.05 6.40 13.30
N TYR A 342 0.19 6.74 13.66
CA TYR A 342 0.40 7.67 14.77
C TYR A 342 -0.19 9.03 14.45
N THR A 343 -0.02 9.50 13.20
CA THR A 343 -0.60 10.77 12.79
C THR A 343 -2.13 10.70 12.81
N ILE A 344 -2.70 9.56 12.46
CA ILE A 344 -4.14 9.38 12.61
C ILE A 344 -4.51 9.33 14.10
N PHE A 345 -3.64 8.72 14.91
CA PHE A 345 -3.91 8.64 16.35
C PHE A 345 -4.03 10.02 16.96
N VAL A 346 -3.09 10.91 16.65
CA VAL A 346 -3.13 12.26 17.23
C VAL A 346 -4.29 13.05 16.65
N VAL A 347 -4.49 12.98 15.33
CA VAL A 347 -5.58 13.73 14.72
C VAL A 347 -6.93 13.19 15.18
N LEU A 348 -7.05 11.87 15.28
CA LEU A 348 -8.28 11.28 15.79
C LEU A 348 -8.56 11.71 17.23
N ILE A 349 -7.52 11.67 18.08
CA ILE A 349 -7.73 12.07 19.47
C ILE A 349 -7.78 13.59 19.60
N LEU A 350 -7.09 14.31 18.71
CA LEU A 350 -7.20 15.76 18.70
C LEU A 350 -8.63 16.18 18.41
N LEU A 351 -9.27 15.54 17.42
CA LEU A 351 -10.67 15.84 17.13
C LEU A 351 -11.61 15.22 18.17
N SER A 352 -11.24 14.06 18.72
CA SER A 352 -12.05 13.50 19.79
C SER A 352 -12.12 14.43 20.99
N ALA A 353 -11.05 15.20 21.22
CA ALA A 353 -11.08 16.28 22.19
C ALA A 353 -11.43 17.62 21.55
N GLY A 354 -11.08 17.80 20.28
CA GLY A 354 -11.46 19.02 19.58
C GLY A 354 -12.95 19.16 19.40
N LEU A 355 -13.67 18.04 19.37
CA LEU A 355 -15.12 18.04 19.39
C LEU A 355 -15.69 17.70 20.76
N ALA A 356 -14.83 17.47 21.76
CA ALA A 356 -15.31 17.38 23.13
C ALA A 356 -15.60 18.75 23.71
N ILE A 357 -14.84 19.77 23.29
CA ILE A 357 -15.15 21.14 23.69
C ILE A 357 -16.48 21.58 23.10
N GLY A 358 -16.74 21.23 21.84
CA GLY A 358 -18.01 21.61 21.22
C GLY A 358 -19.19 20.91 21.85
N HIS A 359 -19.04 19.61 22.15
CA HIS A 359 -20.10 18.87 22.83
C HIS A 359 -20.19 19.21 24.31
N ALA A 360 -19.11 19.70 24.91
CA ALA A 360 -19.17 20.10 26.32
C ALA A 360 -20.19 21.22 26.52
N TYR A 361 -20.15 22.23 25.65
CA TYR A 361 -21.15 23.29 25.72
C TYR A 361 -22.55 22.73 25.45
N TRP A 362 -22.67 21.89 24.42
CA TRP A 362 -23.98 21.48 23.95
C TRP A 362 -24.77 20.76 25.04
N GLU A 363 -24.08 20.01 25.89
CA GLU A 363 -24.77 19.33 26.98
C GLU A 363 -25.17 20.27 28.09
N ALA A 364 -24.61 21.49 28.12
CA ALA A 364 -24.98 22.49 29.10
C ALA A 364 -26.07 23.42 28.58
N GLN A 365 -25.79 24.12 27.47
CA GLN A 365 -26.75 25.07 26.93
C GLN A 365 -28.00 24.37 26.41
N VAL A 366 -27.83 23.48 25.43
CA VAL A 366 -28.97 22.85 24.79
C VAL A 366 -29.32 21.52 25.43
N GLY A 367 -28.32 20.79 25.95
CA GLY A 367 -28.60 19.48 26.54
C GLY A 367 -29.40 19.55 27.81
N ASN A 368 -29.11 20.52 28.67
CA ASN A 368 -29.81 20.62 29.96
C ASN A 368 -31.30 20.89 29.74
N SER A 369 -31.62 21.91 28.95
CA SER A 369 -33.01 22.28 28.72
C SER A 369 -33.74 21.30 27.82
N SER A 370 -33.02 20.59 26.96
CA SER A 370 -33.67 19.70 25.99
C SER A 370 -34.26 18.50 26.72
N TRP A 371 -35.54 18.60 27.07
CA TRP A 371 -36.18 17.55 27.85
C TRP A 371 -36.17 16.21 27.14
N TYR A 372 -36.15 16.22 25.80
CA TYR A 372 -36.12 14.97 25.04
C TYR A 372 -34.79 14.25 25.15
N LEU A 373 -33.76 14.86 25.75
CA LEU A 373 -32.48 14.22 26.00
C LEU A 373 -32.20 13.97 27.48
N TYR A 374 -32.46 14.95 28.34
CA TYR A 374 -32.32 14.73 29.77
C TYR A 374 -33.27 13.65 30.24
N ASP A 375 -32.85 12.87 31.25
CA ASP A 375 -33.65 11.76 31.74
C ASP A 375 -33.61 11.54 33.24
N GLY A 376 -32.79 12.27 34.01
CA GLY A 376 -32.82 12.13 35.45
C GLY A 376 -31.65 11.40 36.07
N GLU A 377 -30.43 11.67 35.60
CA GLU A 377 -29.21 11.18 36.24
C GLU A 377 -28.17 12.29 36.19
N ASP A 378 -27.70 12.68 37.38
CA ASP A 378 -26.79 13.83 37.49
C ASP A 378 -25.57 13.63 36.61
N ASP A 379 -25.38 14.55 35.65
CA ASP A 379 -24.36 14.41 34.62
C ASP A 379 -23.82 15.81 34.31
N THR A 380 -22.55 16.04 34.65
CA THR A 380 -21.95 17.34 34.41
C THR A 380 -21.72 17.56 32.91
N PRO A 381 -21.80 18.81 32.44
CA PRO A 381 -21.50 19.06 31.03
C PRO A 381 -20.10 18.63 30.62
N SER A 382 -19.14 18.69 31.53
CA SER A 382 -17.79 18.23 31.21
C SER A 382 -17.64 16.72 31.39
N TYR A 383 -18.42 16.11 32.29
CA TYR A 383 -18.38 14.66 32.40
C TYR A 383 -18.99 13.99 31.17
N ARG A 384 -20.12 14.51 30.69
CA ARG A 384 -20.67 14.00 29.44
C ARG A 384 -19.69 14.17 28.30
N GLY A 385 -18.86 15.22 28.35
CA GLY A 385 -17.81 15.35 27.36
C GLY A 385 -16.75 14.28 27.49
N PHE A 386 -16.46 13.84 28.72
CA PHE A 386 -15.49 12.78 28.93
C PHE A 386 -15.99 11.46 28.34
N LEU A 387 -17.23 11.08 28.68
CA LEU A 387 -17.74 9.80 28.21
C LEU A 387 -17.77 9.75 26.69
N ILE A 388 -18.24 10.82 26.05
CA ILE A 388 -18.26 10.86 24.59
C ILE A 388 -16.86 10.85 24.01
N PHE A 389 -15.87 11.33 24.77
CA PHE A 389 -14.50 11.32 24.26
C PHE A 389 -14.07 9.91 23.86
N TRP A 390 -14.63 8.89 24.52
CA TRP A 390 -14.46 7.53 24.04
C TRP A 390 -15.33 7.27 22.81
N GLY A 391 -16.51 7.88 22.76
CA GLY A 391 -17.36 7.72 21.60
C GLY A 391 -16.76 8.32 20.34
N TYR A 392 -16.15 9.50 20.46
CA TYR A 392 -15.49 10.11 19.32
C TYR A 392 -14.34 9.25 18.81
N ILE A 393 -13.57 8.67 19.74
CA ILE A 393 -12.50 7.74 19.35
C ILE A 393 -13.12 6.51 18.67
N ILE A 394 -14.16 5.96 19.27
CA ILE A 394 -14.77 4.75 18.73
C ILE A 394 -15.45 5.03 17.40
N VAL A 395 -16.26 6.08 17.34
CA VAL A 395 -17.08 6.32 16.15
C VAL A 395 -16.19 6.60 14.94
N LEU A 396 -15.09 7.31 15.14
CA LEU A 396 -14.12 7.60 14.09
C LEU A 396 -12.94 6.63 14.14
N ASN A 397 -13.17 5.39 14.57
CA ASN A 397 -12.08 4.42 14.68
C ASN A 397 -11.50 4.09 13.32
N THR A 398 -12.35 3.96 12.30
CA THR A 398 -11.89 3.56 10.97
C THR A 398 -11.15 4.65 10.24
N MET A 399 -10.73 5.74 10.90
CA MET A 399 -9.76 6.63 10.28
C MET A 399 -8.44 5.92 10.05
N VAL A 400 -8.01 5.10 11.02
CA VAL A 400 -6.85 4.23 10.83
C VAL A 400 -7.28 3.09 9.92
N PRO A 401 -6.65 2.87 8.77
CA PRO A 401 -7.15 1.84 7.84
C PRO A 401 -6.91 0.44 8.38
N ILE A 402 -8.01 -0.28 8.62
CA ILE A 402 -7.89 -1.60 9.23
C ILE A 402 -7.28 -2.60 8.25
N SER A 403 -7.67 -2.51 6.97
CA SER A 403 -7.23 -3.45 5.95
C SER A 403 -6.00 -2.97 5.19
N LEU A 404 -5.16 -2.15 5.82
CA LEU A 404 -3.94 -1.72 5.15
C LEU A 404 -2.89 -2.80 5.15
N TYR A 405 -2.49 -3.28 6.34
CA TYR A 405 -1.36 -4.18 6.42
C TYR A 405 -1.62 -5.48 5.66
N VAL A 406 -2.87 -5.91 5.57
CA VAL A 406 -3.17 -7.05 4.72
C VAL A 406 -2.94 -6.71 3.25
N SER A 407 -3.43 -5.54 2.83
CA SER A 407 -3.34 -5.17 1.43
C SER A 407 -1.90 -4.95 0.99
N VAL A 408 -1.09 -4.35 1.86
CA VAL A 408 0.30 -4.11 1.51
C VAL A 408 1.00 -5.44 1.21
N GLU A 409 0.76 -6.45 2.04
CA GLU A 409 1.39 -7.75 1.83
C GLU A 409 0.93 -8.39 0.52
N VAL A 410 -0.37 -8.30 0.23
CA VAL A 410 -0.88 -8.89 -1.01
C VAL A 410 -0.32 -8.18 -2.22
N ILE A 411 -0.24 -6.84 -2.16
CA ILE A 411 0.29 -6.08 -3.29
C ILE A 411 1.73 -6.48 -3.56
N ARG A 412 2.53 -6.65 -2.50
CA ARG A 412 3.92 -7.05 -2.67
C ARG A 412 4.02 -8.49 -3.13
N LEU A 413 3.23 -9.40 -2.56
CA LEU A 413 3.30 -10.80 -2.95
C LEU A 413 2.96 -10.96 -4.43
N GLY A 414 1.91 -10.29 -4.89
CA GLY A 414 1.59 -10.35 -6.30
C GLY A 414 2.68 -9.73 -7.16
N GLN A 415 3.16 -8.56 -6.76
CA GLN A 415 4.20 -7.88 -7.52
C GLN A 415 5.53 -8.63 -7.48
N SER A 416 5.75 -9.47 -6.47
CA SER A 416 6.97 -10.27 -6.43
C SER A 416 6.89 -11.42 -7.42
N HIS A 417 5.70 -12.00 -7.60
CA HIS A 417 5.57 -13.12 -8.51
C HIS A 417 5.71 -12.71 -9.98
N PHE A 418 5.46 -11.45 -10.31
CA PHE A 418 5.75 -10.99 -11.67
C PHE A 418 7.24 -11.02 -11.94
N ILE A 419 8.06 -10.76 -10.92
CA ILE A 419 9.50 -10.86 -11.10
C ILE A 419 9.89 -12.31 -11.37
N ASN A 420 9.31 -13.24 -10.62
CA ASN A 420 9.61 -14.65 -10.85
C ASN A 420 9.13 -15.10 -12.23
N TRP A 421 7.93 -14.66 -12.63
CA TRP A 421 7.28 -15.16 -13.83
C TRP A 421 7.82 -14.57 -15.12
N ASP A 422 8.61 -13.50 -15.06
CA ASP A 422 9.00 -12.80 -16.27
C ASP A 422 9.75 -13.73 -17.22
N LEU A 423 9.23 -13.88 -18.44
CA LEU A 423 9.92 -14.69 -19.44
C LEU A 423 11.16 -13.98 -19.96
N GLN A 424 11.20 -12.66 -19.88
CA GLN A 424 12.34 -11.88 -20.32
C GLN A 424 13.37 -11.67 -19.23
N MET A 425 13.17 -12.25 -18.05
CA MET A 425 14.22 -12.41 -17.06
C MET A 425 14.44 -13.89 -16.77
N TYR A 426 14.40 -14.72 -17.81
CA TYR A 426 14.58 -16.16 -17.68
C TYR A 426 15.67 -16.60 -18.63
N TYR A 427 16.75 -17.16 -18.09
CA TYR A 427 17.86 -17.60 -18.92
C TYR A 427 17.48 -18.85 -19.70
N ALA A 428 18.21 -19.08 -20.79
CA ALA A 428 17.87 -20.14 -21.73
C ALA A 428 18.59 -21.45 -21.42
N GLU A 429 19.93 -21.43 -21.47
CA GLU A 429 20.67 -22.68 -21.30
C GLU A 429 20.70 -23.13 -19.84
N LYS A 430 20.83 -22.18 -18.91
CA LYS A 430 20.88 -22.55 -17.50
C LYS A 430 19.51 -22.90 -16.95
N ASP A 431 18.43 -22.49 -17.60
CA ASP A 431 17.08 -22.74 -17.10
C ASP A 431 16.92 -22.20 -15.69
N THR A 432 17.23 -20.91 -15.52
CA THR A 432 17.28 -20.25 -14.22
C THR A 432 16.36 -19.03 -14.26
N PRO A 433 15.07 -19.22 -14.06
CA PRO A 433 14.16 -18.07 -13.99
C PRO A 433 14.54 -17.16 -12.84
N ALA A 434 14.02 -15.94 -12.88
CA ALA A 434 14.24 -15.01 -11.79
C ALA A 434 13.49 -15.48 -10.54
N LYS A 435 13.96 -15.00 -9.39
CA LYS A 435 13.38 -15.36 -8.11
C LYS A 435 13.17 -14.11 -7.28
N ALA A 436 12.10 -14.11 -6.49
CA ALA A 436 11.79 -13.06 -5.52
C ALA A 436 11.74 -13.74 -4.16
N ARG A 437 12.91 -13.87 -3.53
CA ARG A 437 13.01 -14.61 -2.28
C ARG A 437 12.29 -13.89 -1.15
N THR A 438 12.37 -12.56 -1.11
CA THR A 438 11.73 -11.75 -0.08
C THR A 438 10.58 -10.99 -0.73
N THR A 439 9.36 -11.48 -0.52
CA THR A 439 8.17 -10.82 -1.06
C THR A 439 7.70 -9.73 -0.13
N THR A 440 8.60 -8.81 0.23
CA THR A 440 8.32 -7.81 1.27
C THR A 440 8.78 -6.40 0.93
N LEU A 441 9.56 -6.19 -0.12
CA LEU A 441 10.12 -4.88 -0.43
C LEU A 441 9.99 -4.55 -1.90
N ASN A 442 8.87 -4.95 -2.51
CA ASN A 442 8.68 -4.72 -3.94
C ASN A 442 8.63 -3.24 -4.27
N GLU A 443 7.91 -2.46 -3.47
CA GLU A 443 7.84 -1.02 -3.74
C GLU A 443 9.22 -0.39 -3.73
N GLN A 444 10.16 -0.98 -3.00
CA GLN A 444 11.50 -0.43 -2.93
C GLN A 444 12.25 -0.59 -4.24
N LEU A 445 11.96 -1.66 -4.99
CA LEU A 445 12.58 -1.84 -6.29
C LEU A 445 12.32 -0.63 -7.18
N GLY A 446 11.18 0.03 -7.02
CA GLY A 446 10.92 1.29 -7.69
C GLY A 446 11.56 2.50 -7.05
N GLN A 447 12.07 2.36 -5.83
CA GLN A 447 12.70 3.46 -5.10
C GLN A 447 14.20 3.31 -4.99
N ILE A 448 14.81 2.38 -5.72
CA ILE A 448 16.24 2.12 -5.58
C ILE A 448 17.02 3.34 -6.02
N HIS A 449 17.92 3.79 -5.15
CA HIS A 449 18.90 4.83 -5.50
C HIS A 449 20.26 4.26 -5.83
N TYR A 450 20.64 3.14 -5.22
CA TYR A 450 21.98 2.59 -5.34
C TYR A 450 21.92 1.11 -5.63
N ILE A 451 22.85 0.62 -6.46
CA ILE A 451 22.98 -0.80 -6.76
C ILE A 451 24.45 -1.17 -6.71
N PHE A 452 24.72 -2.43 -6.37
CA PHE A 452 26.07 -2.90 -6.09
C PHE A 452 26.27 -4.20 -6.85
N SER A 453 27.52 -4.47 -7.28
CA SER A 453 27.79 -5.64 -8.10
C SER A 453 29.12 -6.26 -7.70
N ASP A 454 29.35 -7.49 -8.20
CA ASP A 454 30.56 -8.27 -7.93
C ASP A 454 31.56 -8.27 -9.08
N LYS A 455 31.09 -8.14 -10.32
CA LYS A 455 31.82 -8.13 -11.59
C LYS A 455 32.27 -9.52 -12.06
N THR A 456 32.22 -10.55 -11.22
CA THR A 456 32.49 -11.92 -11.68
C THR A 456 31.27 -12.76 -11.34
N GLY A 457 30.68 -13.35 -12.38
CA GLY A 457 29.36 -13.92 -12.29
C GLY A 457 28.24 -12.91 -12.29
N THR A 458 28.54 -11.63 -12.06
CA THR A 458 27.54 -10.57 -12.13
C THR A 458 27.54 -9.91 -13.51
N LEU A 459 28.65 -9.28 -13.89
CA LEU A 459 28.81 -8.66 -15.18
C LEU A 459 29.57 -9.55 -16.16
N THR A 460 29.79 -10.82 -15.81
CA THR A 460 30.48 -11.75 -16.68
C THR A 460 29.77 -13.09 -16.62
N GLN A 461 30.17 -13.98 -17.52
CA GLN A 461 29.50 -15.27 -17.69
C GLN A 461 30.08 -16.38 -16.82
N ASN A 462 31.27 -16.18 -16.25
CA ASN A 462 32.09 -17.19 -15.59
C ASN A 462 32.63 -18.23 -16.57
N ILE A 463 32.32 -18.13 -17.86
CA ILE A 463 32.88 -19.02 -18.87
C ILE A 463 34.29 -18.53 -19.14
N MET A 464 35.27 -19.12 -18.46
CA MET A 464 36.66 -18.71 -18.58
C MET A 464 37.41 -19.71 -19.46
N THR A 465 38.09 -19.19 -20.47
CA THR A 465 38.91 -19.99 -21.38
C THR A 465 40.30 -19.38 -21.43
N PHE A 466 41.30 -20.17 -21.08
CA PHE A 466 42.67 -19.68 -21.05
C PHE A 466 43.06 -19.13 -22.42
N LYS A 467 43.63 -17.92 -22.42
CA LYS A 467 44.08 -17.29 -23.65
C LYS A 467 45.54 -16.87 -23.63
N LYS A 468 46.00 -16.25 -22.55
CA LYS A 468 47.36 -15.74 -22.46
C LYS A 468 47.97 -16.14 -21.13
N CYS A 469 49.28 -15.87 -20.99
CA CYS A 469 49.99 -16.06 -19.74
C CYS A 469 51.34 -15.37 -19.84
N CYS A 470 51.96 -15.14 -18.70
CA CYS A 470 53.28 -14.52 -18.62
C CYS A 470 54.22 -15.42 -17.82
N ILE A 471 55.37 -15.74 -18.41
CA ILE A 471 56.39 -16.55 -17.77
C ILE A 471 57.73 -15.85 -17.96
N ASN A 472 58.45 -15.61 -16.87
CA ASN A 472 59.76 -14.95 -16.91
C ASN A 472 59.67 -13.56 -17.54
N GLY A 473 58.50 -12.94 -17.47
CA GLY A 473 58.31 -11.62 -18.03
C GLY A 473 57.98 -11.59 -19.51
N GLN A 474 57.99 -12.74 -20.18
CA GLN A 474 57.65 -12.81 -21.58
C GLN A 474 56.15 -13.03 -21.76
N ILE A 475 55.62 -12.52 -22.87
CA ILE A 475 54.20 -12.64 -23.18
C ILE A 475 54.00 -13.84 -24.10
N TYR A 476 53.04 -14.70 -23.76
CA TYR A 476 52.75 -15.90 -24.54
C TYR A 476 51.27 -15.92 -24.86
N GLY A 477 50.94 -16.15 -26.13
CA GLY A 477 49.56 -16.20 -26.58
C GLY A 477 49.28 -15.31 -27.77
N ASP A 478 50.32 -14.72 -28.35
CA ASP A 478 50.18 -13.83 -29.50
C ASP A 478 50.56 -14.56 -30.77
N HIS A 479 49.81 -14.28 -31.84
CA HIS A 479 50.04 -14.93 -33.13
C HIS A 479 51.46 -14.66 -33.64
N ARG A 480 52.27 -15.70 -33.73
CA ARG A 480 53.62 -15.56 -34.25
C ARG A 480 54.18 -16.95 -34.53
N ASP A 481 55.17 -17.00 -35.42
CA ASP A 481 55.83 -18.26 -35.77
C ASP A 481 54.86 -19.24 -36.41
N VAL A 493 45.75 -23.51 -35.18
CA VAL A 493 46.85 -24.29 -34.64
C VAL A 493 46.32 -25.26 -33.59
N ASP A 494 45.57 -26.26 -34.03
CA ASP A 494 44.95 -27.20 -33.12
C ASP A 494 46.00 -28.06 -32.42
N PHE A 495 45.63 -28.57 -31.25
CA PHE A 495 46.54 -29.35 -30.40
C PHE A 495 46.32 -30.82 -30.71
N SER A 496 47.13 -31.35 -31.64
CA SER A 496 47.13 -32.79 -31.95
C SER A 496 48.58 -33.29 -31.90
N TRP A 497 49.05 -33.55 -30.70
CA TRP A 497 50.31 -34.26 -30.50
C TRP A 497 50.27 -35.30 -29.39
N ASN A 498 49.34 -35.21 -28.44
CA ASN A 498 49.22 -36.16 -27.34
C ASN A 498 47.74 -36.41 -27.05
N THR A 499 47.48 -37.51 -26.34
CA THR A 499 46.11 -37.84 -25.97
C THR A 499 45.57 -36.89 -24.91
N TYR A 500 46.43 -36.38 -24.02
CA TYR A 500 45.97 -35.54 -22.94
C TYR A 500 45.33 -34.25 -23.46
N ALA A 501 45.97 -33.61 -24.44
CA ALA A 501 45.51 -32.32 -24.94
C ALA A 501 44.30 -32.52 -25.86
N ASP A 502 43.17 -32.83 -25.23
CA ASP A 502 41.92 -32.96 -25.98
C ASP A 502 41.58 -31.62 -26.61
N GLY A 503 41.42 -31.62 -27.94
CA GLY A 503 41.23 -30.37 -28.65
C GLY A 503 39.92 -29.68 -28.35
N LYS A 504 39.99 -28.61 -27.56
CA LYS A 504 38.84 -27.73 -27.35
C LYS A 504 39.24 -26.27 -27.26
N LEU A 505 40.51 -25.93 -27.47
CA LEU A 505 41.02 -24.57 -27.25
C LEU A 505 41.92 -24.22 -28.43
N ALA A 506 41.36 -23.53 -29.42
CA ALA A 506 42.13 -23.10 -30.59
C ALA A 506 43.13 -22.06 -30.14
N PHE A 507 44.40 -22.46 -30.07
CA PHE A 507 45.48 -21.60 -29.58
C PHE A 507 46.37 -21.16 -30.73
N TYR A 508 47.28 -20.26 -30.41
CA TYR A 508 48.22 -19.69 -31.38
C TYR A 508 49.57 -19.54 -30.66
N ASP A 509 50.47 -18.76 -31.24
CA ASP A 509 51.81 -18.56 -30.68
C ASP A 509 52.57 -19.89 -30.62
N HIS A 510 52.89 -20.39 -31.82
CA HIS A 510 53.59 -21.66 -31.95
C HIS A 510 54.81 -21.77 -31.04
N TYR A 511 55.45 -20.64 -30.72
CA TYR A 511 56.62 -20.68 -29.87
C TYR A 511 56.31 -21.37 -28.55
N LEU A 512 55.17 -21.03 -27.93
CA LEU A 512 54.79 -21.69 -26.69
C LEU A 512 54.54 -23.17 -26.93
N ILE A 513 53.94 -23.52 -28.07
CA ILE A 513 53.61 -24.91 -28.35
C ILE A 513 54.87 -25.76 -28.40
N GLU A 514 55.88 -25.31 -29.15
CA GLU A 514 57.11 -26.08 -29.29
C GLU A 514 58.03 -25.91 -28.09
N GLN A 515 57.83 -24.86 -27.28
CA GLN A 515 58.68 -24.67 -26.11
C GLN A 515 58.52 -25.81 -25.11
N ILE A 516 57.36 -26.47 -25.11
CA ILE A 516 57.14 -27.59 -24.21
C ILE A 516 57.49 -28.94 -24.83
N GLN A 517 57.51 -29.04 -26.16
CA GLN A 517 57.82 -30.31 -26.80
C GLN A 517 59.23 -30.76 -26.46
N SER A 518 60.20 -29.86 -26.54
CA SER A 518 61.59 -30.19 -26.28
C SER A 518 62.31 -28.91 -25.89
N GLY A 519 63.50 -29.08 -25.32
CA GLY A 519 64.24 -27.94 -24.81
C GLY A 519 63.48 -27.21 -23.73
N LYS A 520 62.73 -27.94 -22.91
CA LYS A 520 61.91 -27.32 -21.89
C LYS A 520 62.78 -26.60 -20.87
N GLU A 521 62.45 -25.34 -20.60
CA GLU A 521 63.10 -24.64 -19.51
C GLU A 521 62.52 -25.11 -18.18
N PRO A 522 63.31 -25.07 -17.09
CA PRO A 522 62.71 -25.40 -15.79
C PRO A 522 61.54 -24.52 -15.43
N GLU A 523 61.70 -23.20 -15.53
CA GLU A 523 60.65 -22.29 -15.09
C GLU A 523 59.38 -22.50 -15.91
N VAL A 524 59.53 -22.65 -17.23
CA VAL A 524 58.38 -22.95 -18.07
C VAL A 524 57.78 -24.31 -17.70
N ARG A 525 58.65 -25.27 -17.38
CA ARG A 525 58.16 -26.62 -17.10
C ARG A 525 57.24 -26.65 -15.88
N GLN A 526 57.76 -26.26 -14.71
CA GLN A 526 56.90 -26.26 -13.53
C GLN A 526 55.77 -25.23 -13.63
N PHE A 527 55.86 -24.26 -14.54
CA PHE A 527 54.81 -23.25 -14.64
C PHE A 527 53.45 -23.90 -14.89
N PHE A 528 53.33 -24.66 -15.98
CA PHE A 528 52.10 -25.39 -16.22
C PHE A 528 51.85 -26.44 -15.14
N PHE A 529 52.91 -26.98 -14.54
CA PHE A 529 52.74 -27.92 -13.45
C PHE A 529 52.01 -27.26 -12.28
N LEU A 530 52.36 -26.01 -11.98
CA LEU A 530 51.70 -25.32 -10.89
C LEU A 530 50.20 -25.23 -11.12
N LEU A 531 49.79 -24.93 -12.37
CA LEU A 531 48.37 -24.84 -12.67
C LEU A 531 47.67 -26.17 -12.42
N ALA A 532 48.37 -27.28 -12.60
CA ALA A 532 47.79 -28.61 -12.50
C ALA A 532 47.94 -29.24 -11.12
N VAL A 533 48.52 -28.53 -10.16
CA VAL A 533 48.72 -29.04 -8.81
C VAL A 533 48.09 -28.12 -7.76
N CYS A 534 48.35 -26.81 -7.87
CA CYS A 534 47.89 -25.84 -6.86
C CYS A 534 46.45 -25.44 -7.18
N HIS A 535 45.52 -26.28 -6.74
CA HIS A 535 44.11 -26.13 -7.07
C HIS A 535 43.32 -27.16 -6.26
N THR A 536 42.00 -27.12 -6.42
CA THR A 536 41.09 -27.96 -5.65
C THR A 536 39.96 -28.49 -6.53
N VAL A 537 40.31 -29.05 -7.69
CA VAL A 537 39.32 -29.55 -8.63
C VAL A 537 38.95 -30.98 -8.27
N MET A 538 37.82 -31.44 -8.79
CA MET A 538 37.38 -32.83 -8.66
C MET A 538 37.70 -33.54 -9.97
N VAL A 539 38.92 -34.06 -10.08
CA VAL A 539 39.35 -34.70 -11.32
C VAL A 539 38.54 -35.97 -11.54
N ASP A 540 38.35 -36.32 -12.82
CA ASP A 540 37.58 -37.49 -13.21
C ASP A 540 38.42 -38.36 -14.14
N ARG A 541 38.29 -39.67 -14.00
CA ARG A 541 38.99 -40.62 -14.87
C ARG A 541 38.11 -41.73 -15.40
N THR A 542 36.90 -41.92 -14.86
CA THR A 542 36.05 -43.00 -15.34
C THR A 542 35.64 -42.79 -16.79
N ASP A 543 35.35 -41.55 -17.17
CA ASP A 543 34.97 -41.26 -18.54
C ASP A 543 36.08 -41.58 -19.52
N GLY A 544 37.33 -41.46 -19.08
CA GLY A 544 38.48 -41.64 -19.94
C GLY A 544 38.96 -40.38 -20.63
N GLN A 545 38.13 -39.33 -20.67
CA GLN A 545 38.51 -38.06 -21.27
C GLN A 545 39.23 -37.14 -20.30
N LEU A 546 39.35 -37.52 -19.03
CA LEU A 546 40.04 -36.72 -18.03
C LEU A 546 39.42 -35.34 -17.88
N ASN A 547 38.16 -35.33 -17.47
CA ASN A 547 37.41 -34.09 -17.29
C ASN A 547 37.86 -33.37 -16.02
N TYR A 548 37.32 -32.17 -15.82
CA TYR A 548 37.56 -31.39 -14.62
C TYR A 548 36.25 -30.77 -14.16
N GLN A 549 36.04 -30.73 -12.85
CA GLN A 549 34.89 -30.08 -12.24
C GLN A 549 35.43 -29.24 -11.08
N ALA A 550 35.65 -27.96 -11.34
CA ALA A 550 36.27 -27.06 -10.38
C ALA A 550 35.20 -26.20 -9.72
N ALA A 551 35.25 -26.10 -8.38
CA ALA A 551 34.31 -25.26 -7.67
C ALA A 551 34.49 -23.79 -8.00
N SER A 552 35.72 -23.38 -8.35
CA SER A 552 36.02 -22.00 -8.69
C SER A 552 36.36 -21.88 -10.17
N PRO A 553 35.82 -20.87 -10.87
CA PRO A 553 36.04 -20.81 -12.33
C PRO A 553 37.50 -20.70 -12.73
N ASP A 554 38.32 -19.99 -11.94
CA ASP A 554 39.72 -19.81 -12.31
C ASP A 554 40.46 -21.15 -12.34
N GLU A 555 40.35 -21.93 -11.26
CA GLU A 555 41.08 -23.19 -11.18
C GLU A 555 40.68 -24.12 -12.31
N GLY A 556 39.37 -24.25 -12.57
CA GLY A 556 38.92 -25.17 -13.59
C GLY A 556 39.47 -24.84 -14.97
N ALA A 557 39.46 -23.56 -15.33
CA ALA A 557 39.95 -23.17 -16.66
C ALA A 557 41.47 -23.20 -16.72
N LEU A 558 42.14 -22.71 -15.67
CA LEU A 558 43.60 -22.71 -15.68
C LEU A 558 44.16 -24.12 -15.68
N VAL A 559 43.55 -25.02 -14.92
CA VAL A 559 44.00 -26.42 -14.94
C VAL A 559 43.82 -27.01 -16.33
N ASN A 560 42.68 -26.72 -16.96
CA ASN A 560 42.45 -27.22 -18.32
C ASN A 560 43.51 -26.70 -19.29
N ALA A 561 44.05 -25.50 -19.04
CA ALA A 561 45.13 -25.01 -19.87
C ALA A 561 46.36 -25.91 -19.76
N ALA A 562 46.67 -26.37 -18.54
CA ALA A 562 47.84 -27.21 -18.35
C ALA A 562 47.71 -28.52 -19.11
N ARG A 563 46.54 -29.15 -19.06
CA ARG A 563 46.37 -30.43 -19.76
C ARG A 563 46.52 -30.25 -21.27
N ASN A 564 46.01 -29.14 -21.81
CA ASN A 564 46.19 -28.87 -23.23
C ASN A 564 47.67 -28.79 -23.59
N PHE A 565 48.50 -28.36 -22.64
CA PHE A 565 49.95 -28.27 -22.85
C PHE A 565 50.67 -29.50 -22.30
N GLY A 566 49.98 -30.63 -22.18
CA GLY A 566 50.58 -31.87 -21.75
C GLY A 566 50.58 -32.07 -20.24
N PHE A 567 50.66 -30.99 -19.46
CA PHE A 567 50.71 -31.09 -18.01
C PHE A 567 49.31 -31.40 -17.47
N ALA A 568 48.86 -32.61 -17.77
CA ALA A 568 47.54 -33.05 -17.36
C ALA A 568 47.59 -33.64 -15.96
N PHE A 569 46.57 -33.32 -15.15
CA PHE A 569 46.44 -33.84 -13.80
C PHE A 569 45.55 -35.07 -13.83
N LEU A 570 46.10 -36.22 -13.42
CA LEU A 570 45.37 -37.47 -13.56
C LEU A 570 44.37 -37.68 -12.43
N ALA A 571 44.84 -37.76 -11.19
CA ALA A 571 43.96 -38.04 -10.06
C ALA A 571 44.65 -37.63 -8.77
N ARG A 572 43.88 -37.61 -7.69
CA ARG A 572 44.36 -37.21 -6.38
C ARG A 572 43.71 -38.09 -5.32
N THR A 573 44.47 -38.39 -4.27
CA THR A 573 44.03 -39.17 -3.13
C THR A 573 44.12 -38.30 -1.88
N GLN A 574 43.90 -38.94 -0.72
CA GLN A 574 43.89 -38.18 0.53
C GLN A 574 45.21 -37.46 0.77
N ASN A 575 46.33 -38.07 0.38
CA ASN A 575 47.64 -37.46 0.60
C ASN A 575 48.58 -37.63 -0.59
N THR A 576 48.11 -38.17 -1.72
CA THR A 576 48.94 -38.36 -2.90
C THR A 576 48.21 -37.84 -4.12
N ILE A 577 48.98 -37.41 -5.12
CA ILE A 577 48.44 -36.89 -6.37
C ILE A 577 49.24 -37.49 -7.51
N THR A 578 48.54 -37.92 -8.57
CA THR A 578 49.12 -38.64 -9.69
C THR A 578 49.29 -37.74 -10.92
N ILE A 579 49.69 -36.48 -10.72
CA ILE A 579 49.87 -35.56 -11.83
C ILE A 579 50.82 -36.15 -12.87
N SER A 580 50.49 -35.93 -14.14
CA SER A 580 51.26 -36.45 -15.27
C SER A 580 51.84 -35.30 -16.08
N GLU A 581 52.97 -35.57 -16.73
CA GLU A 581 53.66 -34.57 -17.54
C GLU A 581 54.23 -35.28 -18.76
N LEU A 582 53.66 -35.00 -19.95
CA LEU A 582 54.12 -35.60 -21.19
C LEU A 582 54.08 -37.13 -21.11
N GLY A 583 53.09 -37.66 -20.41
CA GLY A 583 52.98 -39.09 -20.18
C GLY A 583 53.89 -39.61 -19.08
N THR A 584 54.75 -38.78 -18.52
CA THR A 584 55.63 -39.19 -17.42
C THR A 584 54.85 -39.03 -16.11
N GLU A 585 54.06 -40.06 -15.80
CA GLU A 585 53.19 -40.04 -14.63
C GLU A 585 54.05 -40.08 -13.37
N ARG A 586 54.19 -38.94 -12.72
CA ARG A 586 54.98 -38.80 -11.50
C ARG A 586 54.03 -38.45 -10.35
N THR A 587 54.09 -39.25 -9.29
CA THR A 587 53.14 -39.15 -8.18
C THR A 587 53.79 -38.36 -7.05
N TYR A 588 53.14 -37.27 -6.64
CA TYR A 588 53.57 -36.47 -5.51
C TYR A 588 52.73 -36.80 -4.29
N ASN A 589 53.35 -36.74 -3.12
CA ASN A 589 52.67 -36.97 -1.84
C ASN A 589 52.34 -35.60 -1.25
N VAL A 590 51.07 -35.23 -1.32
CA VAL A 590 50.58 -33.99 -0.72
C VAL A 590 50.26 -34.25 0.75
N LEU A 591 50.82 -33.42 1.63
CA LEU A 591 50.66 -33.58 3.07
C LEU A 591 49.73 -32.55 3.69
N ALA A 592 49.83 -31.29 3.28
CA ALA A 592 48.96 -30.24 3.79
C ALA A 592 48.49 -29.38 2.63
N ILE A 593 47.33 -28.75 2.82
CA ILE A 593 46.75 -27.84 1.83
C ILE A 593 46.42 -26.53 2.52
N LEU A 594 46.88 -25.42 1.94
CA LEU A 594 46.63 -24.09 2.48
C LEU A 594 45.47 -23.49 1.69
N ASP A 595 44.26 -23.91 2.06
CA ASP A 595 43.05 -23.64 1.28
C ASP A 595 42.86 -22.16 0.99
N PHE A 596 42.00 -21.87 0.01
CA PHE A 596 41.66 -20.51 -0.37
C PHE A 596 40.32 -20.13 0.24
N ASN A 597 40.30 -19.02 0.97
CA ASN A 597 39.06 -18.41 1.42
C ASN A 597 39.05 -16.98 0.92
N SER A 598 37.84 -16.43 0.77
CA SER A 598 37.71 -15.10 0.17
C SER A 598 38.54 -14.07 0.91
N ASP A 599 38.70 -14.22 2.22
CA ASP A 599 39.44 -13.23 2.99
C ASP A 599 40.92 -13.19 2.61
N ARG A 600 41.53 -14.36 2.41
CA ARG A 600 42.97 -14.40 2.17
C ARG A 600 43.32 -14.15 0.71
N LYS A 601 42.40 -14.42 -0.22
CA LYS A 601 42.55 -14.03 -1.62
C LYS A 601 43.72 -14.75 -2.29
N ARG A 602 43.95 -16.02 -1.97
CA ARG A 602 45.06 -16.75 -2.55
C ARG A 602 44.96 -18.22 -2.16
N MET A 603 45.86 -19.03 -2.70
CA MET A 603 45.95 -20.44 -2.38
C MET A 603 47.42 -20.85 -2.41
N SER A 604 47.74 -21.89 -1.64
CA SER A 604 49.08 -22.44 -1.63
C SER A 604 48.98 -23.94 -1.33
N ILE A 605 50.02 -24.67 -1.72
CA ILE A 605 50.05 -26.12 -1.52
C ILE A 605 51.49 -26.53 -1.24
N ILE A 606 51.64 -27.53 -0.38
CA ILE A 606 52.93 -28.13 -0.05
C ILE A 606 52.86 -29.60 -0.40
N VAL A 607 53.79 -30.07 -1.23
CA VAL A 607 53.80 -31.44 -1.70
C VAL A 607 55.22 -32.00 -1.61
N ARG A 608 55.30 -33.32 -1.56
CA ARG A 608 56.57 -34.04 -1.46
C ARG A 608 56.84 -34.76 -2.77
N THR A 609 57.91 -34.37 -3.45
CA THR A 609 58.30 -35.03 -4.68
C THR A 609 58.81 -36.45 -4.38
N PRO A 610 58.66 -37.38 -5.33
CA PRO A 610 59.17 -38.74 -5.08
C PRO A 610 60.67 -38.78 -4.82
N GLU A 611 61.44 -37.81 -5.31
CA GLU A 611 62.87 -37.81 -5.04
C GLU A 611 63.16 -37.69 -3.56
N GLY A 612 62.39 -36.87 -2.84
CA GLY A 612 62.58 -36.70 -1.41
C GLY A 612 62.36 -35.27 -0.95
N ASN A 613 62.41 -34.33 -1.87
CA ASN A 613 62.24 -32.93 -1.53
C ASN A 613 60.76 -32.63 -1.23
N ILE A 614 60.53 -31.46 -0.65
CA ILE A 614 59.18 -30.95 -0.41
C ILE A 614 59.08 -29.60 -1.11
N LYS A 615 58.04 -29.46 -1.95
CA LYS A 615 57.90 -28.32 -2.84
C LYS A 615 56.63 -27.55 -2.49
N LEU A 616 56.74 -26.22 -2.50
CA LEU A 616 55.65 -25.33 -2.15
C LEU A 616 55.27 -24.49 -3.36
N TYR A 617 54.00 -24.51 -3.72
CA TYR A 617 53.46 -23.74 -4.84
C TYR A 617 52.36 -22.81 -4.32
N CYS A 618 52.27 -21.62 -4.92
CA CYS A 618 51.30 -20.63 -4.50
C CYS A 618 50.75 -19.91 -5.72
N LYS A 619 49.52 -19.43 -5.59
CA LYS A 619 48.84 -18.72 -6.67
C LYS A 619 47.86 -17.71 -6.07
N GLY A 620 47.47 -16.73 -6.89
CA GLY A 620 46.41 -15.83 -6.51
C GLY A 620 46.69 -14.41 -6.98
N ALA A 621 45.96 -13.48 -6.39
CA ALA A 621 46.02 -12.08 -6.79
C ALA A 621 47.40 -11.50 -6.52
N ASP A 622 47.78 -10.52 -7.34
CA ASP A 622 49.09 -9.91 -7.21
C ASP A 622 49.24 -9.14 -5.91
N THR A 623 48.18 -8.45 -5.45
CA THR A 623 48.29 -7.62 -4.26
C THR A 623 48.67 -8.43 -3.04
N VAL A 624 47.93 -9.52 -2.78
CA VAL A 624 48.21 -10.34 -1.60
C VAL A 624 49.38 -11.28 -1.82
N ILE A 625 49.98 -11.28 -3.01
CA ILE A 625 51.15 -12.10 -3.28
C ILE A 625 52.37 -11.20 -3.48
N TYR A 626 52.15 -9.96 -3.94
CA TYR A 626 53.26 -9.02 -4.01
C TYR A 626 53.69 -8.55 -2.63
N GLU A 627 52.80 -8.62 -1.63
CA GLU A 627 53.21 -8.31 -0.27
C GLU A 627 54.23 -9.30 0.26
N ARG A 628 54.38 -10.45 -0.40
CA ARG A 628 55.25 -11.53 0.05
C ARG A 628 56.27 -11.92 -1.03
N LEU A 629 56.71 -10.95 -1.84
CA LEU A 629 57.71 -11.25 -2.85
C LEU A 629 59.06 -11.50 -2.21
N HIS A 630 59.93 -12.20 -2.95
CA HIS A 630 61.30 -12.40 -2.50
C HIS A 630 62.01 -11.05 -2.38
N ARG A 631 63.16 -11.05 -1.72
CA ARG A 631 63.91 -9.82 -1.52
C ARG A 631 64.16 -9.11 -2.84
N MET A 632 64.48 -9.86 -3.89
CA MET A 632 64.69 -9.29 -5.21
C MET A 632 64.61 -10.40 -6.24
N ASN A 633 63.82 -10.18 -7.29
CA ASN A 633 63.67 -11.15 -8.37
C ASN A 633 63.87 -10.45 -9.71
N PRO A 634 64.53 -11.09 -10.68
CA PRO A 634 64.59 -10.50 -12.02
C PRO A 634 63.22 -10.33 -12.65
N THR A 635 62.25 -11.17 -12.29
CA THR A 635 60.92 -11.14 -12.87
C THR A 635 59.96 -10.23 -12.10
N LYS A 636 60.48 -9.24 -11.38
CA LYS A 636 59.63 -8.37 -10.57
C LYS A 636 58.95 -7.31 -11.41
N GLN A 637 59.73 -6.42 -12.03
CA GLN A 637 59.15 -5.32 -12.79
C GLN A 637 58.54 -5.81 -14.10
N GLU A 638 59.23 -6.70 -14.80
CA GLU A 638 58.69 -7.23 -16.04
C GLU A 638 57.38 -7.98 -15.82
N THR A 639 57.15 -8.49 -14.61
CA THR A 639 55.83 -9.02 -14.26
C THR A 639 54.84 -7.89 -14.01
N GLN A 640 55.26 -6.85 -13.27
CA GLN A 640 54.32 -5.80 -12.88
C GLN A 640 53.76 -5.07 -14.09
N ASP A 641 54.62 -4.74 -15.05
CA ASP A 641 54.16 -4.06 -16.26
C ASP A 641 53.44 -4.99 -17.23
N ALA A 642 53.33 -6.28 -16.89
CA ALA A 642 52.64 -7.23 -17.74
C ALA A 642 51.17 -7.38 -17.36
N LEU A 643 50.88 -7.54 -16.07
CA LEU A 643 49.51 -7.80 -15.64
C LEU A 643 48.57 -6.69 -16.10
N ASP A 644 49.00 -5.43 -15.99
CA ASP A 644 48.16 -4.34 -16.47
C ASP A 644 47.89 -4.47 -17.96
N ILE A 645 48.92 -4.82 -18.74
CA ILE A 645 48.72 -5.03 -20.17
C ILE A 645 47.66 -6.11 -20.39
N PHE A 646 47.74 -7.20 -19.63
CA PHE A 646 46.69 -8.22 -19.71
C PHE A 646 45.34 -7.64 -19.29
N ALA A 647 45.30 -7.03 -18.12
CA ALA A 647 44.03 -6.53 -17.57
C ALA A 647 43.48 -5.35 -18.36
N ASN A 648 44.30 -4.70 -19.20
CA ASN A 648 43.81 -3.55 -19.96
C ASN A 648 42.68 -3.93 -20.91
N GLU A 649 42.53 -5.22 -21.23
CA GLU A 649 41.45 -5.69 -22.09
C GLU A 649 40.66 -6.79 -21.38
N THR A 650 40.44 -6.62 -20.08
CA THR A 650 39.56 -7.48 -19.29
C THR A 650 40.08 -8.92 -19.25
N LEU A 651 41.27 -9.08 -18.68
CA LEU A 651 41.85 -10.39 -18.41
C LEU A 651 41.95 -10.59 -16.90
N ARG A 652 41.49 -11.73 -16.42
CA ARG A 652 41.60 -12.09 -15.00
C ARG A 652 42.96 -12.71 -14.77
N THR A 653 43.95 -11.86 -14.50
CA THR A 653 45.33 -12.32 -14.33
C THR A 653 45.60 -12.70 -12.88
N LEU A 654 46.29 -13.83 -12.72
CA LEU A 654 46.67 -14.36 -11.42
C LEU A 654 48.18 -14.52 -11.37
N CYS A 655 48.77 -14.20 -10.23
CA CYS A 655 50.20 -14.43 -10.01
C CYS A 655 50.42 -15.84 -9.52
N LEU A 656 51.38 -16.54 -10.12
CA LEU A 656 51.76 -17.89 -9.73
C LEU A 656 53.21 -17.88 -9.29
N CYS A 657 53.48 -18.43 -8.10
CA CYS A 657 54.81 -18.40 -7.53
C CYS A 657 54.99 -19.64 -6.68
N TYR A 658 56.26 -19.98 -6.41
CA TYR A 658 56.61 -21.20 -5.71
C TYR A 658 57.66 -20.89 -4.65
N LYS A 659 58.14 -21.95 -4.00
CA LYS A 659 59.30 -21.90 -3.13
C LYS A 659 59.65 -23.31 -2.71
N GLU A 660 60.95 -23.55 -2.52
CA GLU A 660 61.45 -24.79 -1.97
C GLU A 660 62.09 -24.50 -0.62
N ILE A 661 61.69 -25.26 0.40
CA ILE A 661 62.09 -25.01 1.78
C ILE A 661 62.89 -26.21 2.27
N GLU A 662 63.93 -25.94 3.06
CA GLU A 662 64.72 -27.01 3.65
C GLU A 662 63.86 -27.82 4.61
N GLU A 663 64.25 -29.09 4.81
CA GLU A 663 63.48 -29.96 5.68
C GLU A 663 63.37 -29.38 7.09
N LYS A 664 64.39 -28.67 7.55
CA LYS A 664 64.33 -28.06 8.88
C LYS A 664 63.22 -27.03 8.98
N GLU A 665 62.91 -26.34 7.87
CA GLU A 665 61.82 -25.37 7.89
C GLU A 665 60.47 -26.06 8.03
N PHE A 666 60.33 -27.26 7.47
CA PHE A 666 59.06 -27.99 7.55
C PHE A 666 58.85 -28.62 8.92
N THR A 667 59.90 -28.82 9.70
CA THR A 667 59.76 -29.45 11.01
C THR A 667 58.87 -28.62 11.92
N GLU A 668 59.31 -27.39 12.25
CA GLU A 668 58.53 -26.54 13.14
C GLU A 668 57.19 -26.14 12.54
N TRP A 669 57.07 -26.17 11.21
CA TRP A 669 55.87 -25.69 10.55
C TRP A 669 54.75 -26.72 10.53
N ASN A 670 55.04 -27.98 10.86
CA ASN A 670 54.05 -29.04 10.76
C ASN A 670 53.39 -29.40 12.09
N LYS A 671 54.09 -29.24 13.21
CA LYS A 671 53.46 -29.49 14.51
C LYS A 671 52.26 -28.56 14.71
N LYS A 672 52.42 -27.28 14.39
CA LYS A 672 51.33 -26.34 14.60
C LYS A 672 50.12 -26.66 13.75
N PHE A 673 50.31 -27.37 12.63
CA PHE A 673 49.17 -27.96 11.93
C PHE A 673 48.49 -29.02 12.78
N MET A 674 49.29 -29.93 13.35
CA MET A 674 48.72 -31.01 14.15
C MET A 674 47.95 -30.43 15.34
N ALA A 675 48.48 -29.38 15.96
CA ALA A 675 47.71 -28.68 16.99
C ALA A 675 46.43 -28.10 16.42
N ALA A 676 46.53 -27.48 15.23
CA ALA A 676 45.35 -26.92 14.57
C ALA A 676 44.56 -27.98 13.81
N SER A 677 45.15 -29.14 13.54
CA SER A 677 44.45 -30.16 12.76
C SER A 677 43.32 -30.80 13.57
N VAL A 678 43.53 -30.98 14.87
CA VAL A 678 42.48 -31.55 15.71
C VAL A 678 41.28 -30.63 15.66
N ALA A 679 40.14 -31.16 15.22
CA ALA A 679 38.95 -30.35 15.02
C ALA A 679 38.49 -29.73 16.35
N SER A 680 38.11 -30.56 17.30
CA SER A 680 37.58 -30.09 18.57
C SER A 680 36.39 -29.16 18.33
N THR A 681 36.06 -28.31 19.30
CA THR A 681 34.93 -27.42 19.15
C THR A 681 35.22 -26.29 18.17
N ASN A 682 36.46 -25.79 18.17
CA ASN A 682 36.82 -24.63 17.35
C ASN A 682 38.17 -24.86 16.70
N ARG A 683 38.26 -24.56 15.40
CA ARG A 683 39.55 -24.46 14.72
C ARG A 683 39.39 -23.44 13.58
N ASP A 684 39.70 -22.19 13.89
CA ASP A 684 39.62 -21.12 12.90
C ASP A 684 40.78 -20.12 12.94
N GLU A 685 41.48 -19.97 14.06
CA GLU A 685 42.48 -18.92 14.22
C GLU A 685 43.90 -19.40 13.97
N ALA A 686 44.24 -20.60 14.45
CA ALA A 686 45.60 -21.10 14.26
C ALA A 686 45.94 -21.24 12.79
N LEU A 687 45.00 -21.74 11.98
CA LEU A 687 45.26 -21.91 10.55
C LEU A 687 45.61 -20.58 9.89
N ASP A 688 45.12 -19.47 10.42
CA ASP A 688 45.41 -18.17 9.83
C ASP A 688 46.87 -17.78 10.04
N LYS A 689 47.39 -17.97 11.26
CA LYS A 689 48.75 -17.52 11.56
C LYS A 689 49.79 -18.44 10.93
N VAL A 690 49.52 -19.75 10.86
CA VAL A 690 50.50 -20.68 10.32
C VAL A 690 50.72 -20.43 8.83
N TYR A 691 49.65 -20.10 8.10
CA TYR A 691 49.77 -19.88 6.67
C TYR A 691 50.70 -18.71 6.36
N GLU A 692 50.61 -17.63 7.14
CA GLU A 692 51.24 -16.37 6.74
C GLU A 692 52.76 -16.43 6.84
N GLU A 693 53.29 -17.05 7.90
CA GLU A 693 54.68 -16.77 8.28
C GLU A 693 55.67 -17.40 7.31
N ILE A 694 55.47 -18.66 6.91
CA ILE A 694 56.37 -19.25 5.91
C ILE A 694 56.14 -18.61 4.55
N GLU A 695 54.89 -18.33 4.20
CA GLU A 695 54.56 -17.83 2.88
C GLU A 695 55.12 -16.44 2.61
N LYS A 696 55.63 -15.75 3.63
CA LYS A 696 56.07 -14.37 3.45
C LYS A 696 57.12 -14.23 2.35
N ASP A 697 57.86 -15.30 2.05
CA ASP A 697 58.87 -15.31 1.00
C ASP A 697 58.50 -16.37 -0.03
N LEU A 698 58.52 -15.98 -1.30
CA LEU A 698 58.20 -16.90 -2.39
C LEU A 698 58.95 -16.47 -3.65
N ILE A 699 59.09 -17.41 -4.58
CA ILE A 699 59.81 -17.21 -5.83
C ILE A 699 58.78 -17.13 -6.95
N LEU A 700 58.81 -16.04 -7.71
CA LEU A 700 57.78 -15.71 -8.67
C LEU A 700 58.20 -16.10 -10.09
N LEU A 701 57.20 -16.37 -10.93
CA LEU A 701 57.38 -16.57 -12.37
C LEU A 701 56.83 -15.44 -13.20
N GLY A 702 55.67 -14.90 -12.82
CA GLY A 702 54.95 -13.94 -13.63
C GLY A 702 53.49 -13.92 -13.25
N ALA A 703 52.60 -14.07 -14.22
CA ALA A 703 51.17 -14.13 -13.93
C ALA A 703 50.44 -14.65 -15.16
N THR A 704 49.40 -15.46 -14.92
CA THR A 704 48.57 -15.95 -16.01
C THR A 704 47.56 -14.88 -16.40
N ALA A 705 46.65 -15.24 -17.32
CA ALA A 705 45.64 -14.31 -17.78
C ALA A 705 44.55 -15.09 -18.49
N ILE A 706 43.30 -14.80 -18.16
CA ILE A 706 42.17 -15.54 -18.73
C ILE A 706 40.99 -14.59 -18.85
N GLU A 707 40.33 -14.62 -20.00
CA GLU A 707 39.26 -13.68 -20.30
C GLU A 707 37.91 -14.22 -19.89
N ASP A 708 37.10 -13.35 -19.27
CA ASP A 708 35.69 -13.60 -19.04
C ASP A 708 34.94 -12.41 -19.64
N LYS A 709 34.33 -12.62 -20.79
CA LYS A 709 33.67 -11.56 -21.52
C LYS A 709 32.36 -11.16 -20.86
N LEU A 710 32.01 -9.88 -21.00
CA LEU A 710 30.75 -9.38 -20.47
C LEU A 710 29.59 -10.18 -21.05
N GLN A 711 28.67 -10.59 -20.18
CA GLN A 711 27.48 -11.28 -20.66
C GLN A 711 26.60 -10.29 -21.43
N ASP A 712 25.93 -10.81 -22.46
CA ASP A 712 25.20 -9.96 -23.38
C ASP A 712 24.08 -9.21 -22.66
N GLY A 713 23.81 -7.99 -23.11
CA GLY A 713 22.78 -7.17 -22.55
C GLY A 713 23.21 -6.30 -21.40
N VAL A 714 24.37 -6.57 -20.81
CA VAL A 714 24.84 -5.75 -19.68
C VAL A 714 25.07 -4.30 -20.10
N PRO A 715 25.71 -4.00 -21.23
CA PRO A 715 25.81 -2.58 -21.63
C PRO A 715 24.47 -1.90 -21.75
N GLU A 716 23.44 -2.61 -22.21
CA GLU A 716 22.10 -2.03 -22.30
C GLU A 716 21.58 -1.65 -20.93
N THR A 717 21.60 -2.60 -19.99
CA THR A 717 21.01 -2.37 -18.68
C THR A 717 21.74 -1.28 -17.90
N ILE A 718 23.07 -1.26 -17.97
CA ILE A 718 23.84 -0.21 -17.34
C ILE A 718 23.47 1.14 -17.96
N SER A 719 23.39 1.18 -19.30
CA SER A 719 22.97 2.40 -19.96
C SER A 719 21.53 2.74 -19.62
N LYS A 720 20.64 1.75 -19.65
CA LYS A 720 19.23 2.01 -19.43
C LYS A 720 18.97 2.46 -17.99
N LEU A 721 19.50 1.72 -17.02
CA LEU A 721 19.29 2.09 -15.63
C LEU A 721 19.94 3.44 -15.31
N ALA A 722 21.07 3.74 -15.93
CA ALA A 722 21.71 5.03 -15.72
C ALA A 722 20.80 6.17 -16.15
N LYS A 723 20.11 6.00 -17.29
CA LYS A 723 19.14 7.00 -17.73
C LYS A 723 17.89 7.00 -16.86
N ALA A 724 17.66 5.94 -16.08
CA ALA A 724 16.62 5.93 -15.06
C ALA A 724 17.11 6.51 -13.74
N ASP A 725 18.33 7.04 -13.70
CA ASP A 725 18.89 7.70 -12.53
C ASP A 725 18.99 6.76 -11.33
N ILE A 726 19.27 5.48 -11.58
CA ILE A 726 19.72 4.57 -10.53
C ILE A 726 21.23 4.57 -10.54
N LYS A 727 21.84 4.98 -9.43
CA LYS A 727 23.28 5.05 -9.33
C LYS A 727 23.83 3.65 -9.16
N ILE A 728 24.76 3.27 -10.04
CA ILE A 728 25.28 1.90 -10.11
C ILE A 728 26.72 1.91 -9.63
N TRP A 729 27.03 1.07 -8.65
CA TRP A 729 28.39 0.89 -8.16
C TRP A 729 28.80 -0.56 -8.36
N VAL A 730 30.10 -0.77 -8.58
CA VAL A 730 30.67 -2.10 -8.75
C VAL A 730 31.65 -2.33 -7.61
N LEU A 731 31.36 -3.35 -6.79
CA LEU A 731 32.17 -3.69 -5.63
C LEU A 731 32.84 -5.04 -5.89
N THR A 732 34.17 -5.08 -5.85
CA THR A 732 34.86 -6.31 -6.23
C THR A 732 36.27 -6.32 -5.66
N GLY A 733 36.65 -7.41 -5.00
CA GLY A 733 38.01 -7.59 -4.51
C GLY A 733 39.02 -7.86 -5.60
N ASP A 734 38.64 -7.60 -6.85
CA ASP A 734 39.33 -8.11 -8.03
C ASP A 734 40.36 -7.07 -8.48
N LYS A 735 40.88 -7.21 -9.71
CA LYS A 735 41.76 -6.21 -10.30
C LYS A 735 41.07 -4.86 -10.26
N LYS A 736 41.83 -3.79 -9.97
CA LYS A 736 41.28 -2.45 -10.17
C LYS A 736 41.26 -2.11 -11.67
N GLU A 737 41.66 -3.06 -12.51
CA GLU A 737 41.75 -2.83 -13.95
C GLU A 737 40.72 -3.60 -14.74
N THR A 738 40.44 -4.85 -14.37
CA THR A 738 39.46 -5.62 -15.13
C THR A 738 38.09 -4.98 -15.06
N ALA A 739 37.67 -4.52 -13.88
CA ALA A 739 36.39 -3.85 -13.76
C ALA A 739 36.45 -2.45 -14.37
N GLU A 740 37.57 -1.75 -14.19
CA GLU A 740 37.72 -0.43 -14.78
C GLU A 740 37.66 -0.48 -16.30
N ASN A 741 38.30 -1.50 -16.89
CA ASN A 741 38.19 -1.70 -18.34
C ASN A 741 36.84 -2.30 -18.74
N ILE A 742 36.27 -3.16 -17.90
CA ILE A 742 34.93 -3.67 -18.17
C ILE A 742 33.91 -2.55 -18.06
N GLY A 743 34.13 -1.59 -17.17
CA GLY A 743 33.16 -0.53 -16.97
C GLY A 743 32.87 0.22 -18.27
N PHE A 744 33.91 0.60 -19.00
CA PHE A 744 33.71 1.20 -20.31
C PHE A 744 33.10 0.21 -21.29
N ALA A 745 33.34 -1.08 -21.09
CA ALA A 745 32.77 -2.10 -21.95
C ALA A 745 31.31 -2.39 -21.64
N CYS A 746 30.76 -1.81 -20.57
CA CYS A 746 29.34 -1.94 -20.25
C CYS A 746 28.69 -0.58 -20.05
N GLU A 747 29.30 0.49 -20.56
CA GLU A 747 28.77 1.85 -20.49
C GLU A 747 28.73 2.37 -19.06
N LEU A 748 29.35 1.68 -18.11
CA LEU A 748 29.42 2.18 -16.74
C LEU A 748 30.08 3.56 -16.71
N LEU A 749 31.13 3.75 -17.49
CA LEU A 749 31.85 5.00 -17.58
C LEU A 749 31.99 5.43 -19.03
N THR A 750 32.02 6.74 -19.25
CA THR A 750 32.12 7.30 -20.60
C THR A 750 33.23 8.34 -20.65
N GLU A 751 33.29 9.09 -21.75
CA GLU A 751 34.32 10.13 -21.88
C GLU A 751 34.10 11.25 -20.87
N ASP A 752 32.84 11.59 -20.59
CA ASP A 752 32.56 12.75 -19.75
C ASP A 752 33.09 12.58 -18.34
N THR A 753 32.91 11.39 -17.74
CA THR A 753 33.31 11.19 -16.36
C THR A 753 34.82 11.31 -16.22
N THR A 754 35.26 11.78 -15.06
CA THR A 754 36.67 12.03 -14.77
C THR A 754 37.10 11.10 -13.63
N ILE A 755 37.52 9.89 -13.99
CA ILE A 755 38.07 8.98 -13.00
C ILE A 755 39.48 9.44 -12.62
N CYS A 756 39.75 9.52 -11.32
CA CYS A 756 41.04 9.95 -10.82
C CYS A 756 41.49 9.02 -9.71
N TYR A 757 42.81 8.92 -9.55
CA TYR A 757 43.38 8.04 -8.54
C TYR A 757 43.12 8.59 -7.14
N GLY A 758 43.40 7.76 -6.13
CA GLY A 758 43.08 8.09 -4.76
C GLY A 758 44.00 9.09 -4.10
N GLU A 759 45.13 9.43 -4.71
CA GLU A 759 46.07 10.36 -4.07
C GLU A 759 45.43 11.73 -3.85
N ASP A 760 44.67 12.21 -4.83
CA ASP A 760 44.04 13.53 -4.69
C ASP A 760 42.95 13.52 -3.63
N ILE A 761 42.27 12.39 -3.44
CA ILE A 761 41.17 12.33 -2.47
C ILE A 761 41.69 12.63 -1.07
N ASN A 762 42.84 12.07 -0.70
CA ASN A 762 43.40 12.33 0.61
C ASN A 762 43.65 13.83 0.80
N SER A 763 44.26 14.48 -0.18
CA SER A 763 44.54 15.90 -0.08
C SER A 763 43.25 16.72 -0.11
N LEU A 764 42.38 16.44 -1.08
CA LEU A 764 41.15 17.20 -1.20
C LEU A 764 40.24 17.00 0.02
N LEU A 765 40.09 15.75 0.47
CA LEU A 765 39.25 15.49 1.63
C LEU A 765 39.85 16.13 2.88
N HIS A 766 41.18 16.08 3.02
CA HIS A 766 41.83 16.82 4.09
C HIS A 766 41.62 18.32 3.92
N ALA A 767 41.69 18.81 2.68
CA ALA A 767 41.61 20.24 2.44
C ALA A 767 40.30 20.82 2.95
N ARG A 768 39.18 20.13 2.68
CA ARG A 768 37.89 20.59 3.19
C ARG A 768 37.80 20.43 4.71
N MET A 769 38.65 19.59 5.32
CA MET A 769 38.49 19.28 6.73
C MET A 769 39.03 20.40 7.61
N GLU A 770 40.25 20.89 7.31
CA GLU A 770 40.77 22.04 8.05
C GLU A 770 39.90 23.26 7.81
N ASN A 771 39.20 23.31 6.67
CA ASN A 771 38.21 24.36 6.46
C ASN A 771 37.08 24.25 7.48
N GLN A 772 36.64 23.02 7.76
CA GLN A 772 35.61 22.79 8.77
C GLN A 772 36.17 22.77 10.19
N ARG A 773 37.49 22.67 10.35
CA ARG A 773 38.10 22.67 11.67
C ARG A 773 38.52 24.08 12.08
N GLY A 795 28.33 14.47 -17.15
CA GLY A 795 27.06 14.07 -16.60
C GLY A 795 27.20 13.24 -15.33
N ASN A 796 28.26 12.43 -15.28
CA ASN A 796 28.53 11.56 -14.14
C ASN A 796 29.95 11.79 -13.65
N ARG A 797 30.14 11.59 -12.35
CA ARG A 797 31.44 11.64 -11.71
C ARG A 797 31.81 10.27 -11.17
N ALA A 798 33.10 9.96 -11.21
CA ALA A 798 33.57 8.64 -10.82
C ALA A 798 34.99 8.76 -10.26
N LEU A 799 35.42 7.71 -9.56
CA LEU A 799 36.75 7.68 -8.99
C LEU A 799 37.21 6.23 -8.88
N ILE A 800 38.52 6.04 -9.00
CA ILE A 800 39.14 4.71 -8.94
C ILE A 800 39.98 4.66 -7.68
N ILE A 801 39.70 3.66 -6.83
CA ILE A 801 40.33 3.51 -5.53
C ILE A 801 40.45 2.02 -5.23
N THR A 802 41.18 1.69 -4.17
CA THR A 802 41.39 0.31 -3.76
C THR A 802 40.90 0.09 -2.35
N GLY A 803 40.35 -1.11 -2.12
CA GLY A 803 39.89 -1.48 -0.79
C GLY A 803 41.01 -1.54 0.23
N SER A 804 42.20 -1.99 -0.21
CA SER A 804 43.36 -1.92 0.65
C SER A 804 43.64 -0.49 1.09
N TRP A 805 43.29 0.48 0.25
CA TRP A 805 43.39 1.89 0.61
C TRP A 805 42.06 2.48 1.05
N LEU A 806 40.94 1.84 0.73
CA LEU A 806 39.64 2.39 1.09
C LEU A 806 39.53 2.61 2.59
N ASN A 807 39.95 1.61 3.38
CA ASN A 807 39.84 1.71 4.83
C ASN A 807 40.82 2.72 5.41
N GLU A 808 41.87 3.09 4.69
CA GLU A 808 42.76 4.15 5.17
C GLU A 808 42.01 5.47 5.30
N ILE A 809 41.13 5.76 4.33
CA ILE A 809 40.28 6.94 4.44
C ILE A 809 39.40 6.84 5.67
N LEU A 810 38.80 5.66 5.89
CA LEU A 810 37.95 5.46 7.06
C LEU A 810 38.74 5.33 8.35
N LEU A 811 40.06 5.16 8.27
CA LEU A 811 40.93 5.07 9.46
C LEU A 811 40.47 3.93 10.36
N GLU A 812 40.51 2.72 9.81
CA GLU A 812 40.13 1.52 10.54
C GLU A 812 41.27 1.06 11.44
N GLN A 837 40.19 11.83 25.78
CA GLN A 837 39.84 13.00 24.99
C GLN A 837 40.15 12.78 23.52
N SER A 838 41.29 12.12 23.25
CA SER A 838 41.68 11.86 21.87
C SER A 838 40.68 10.93 21.19
N LYS A 839 40.20 9.92 21.89
CA LYS A 839 39.28 8.96 21.29
C LYS A 839 38.01 9.65 20.79
N ARG A 840 37.40 10.48 21.64
CA ARG A 840 36.17 11.17 21.23
C ARG A 840 36.45 12.12 20.06
N ARG A 841 37.54 12.88 20.13
CA ARG A 841 37.89 13.76 19.02
C ARG A 841 38.23 12.95 17.77
N LEU A 842 38.98 11.86 17.93
CA LEU A 842 39.36 11.05 16.77
C LEU A 842 38.19 10.22 16.27
N GLU A 843 37.28 9.81 17.16
CA GLU A 843 36.09 9.09 16.71
C GLU A 843 35.26 9.94 15.77
N ALA A 844 35.05 11.22 16.11
CA ALA A 844 34.37 12.13 15.21
C ALA A 844 35.26 12.61 14.07
N LYS A 845 36.58 12.48 14.22
CA LYS A 845 37.48 12.88 13.14
C LYS A 845 37.27 12.02 11.90
N LYS A 846 37.27 10.69 12.07
CA LYS A 846 37.05 9.80 10.94
C LYS A 846 35.60 9.77 10.51
N GLU A 847 34.66 9.92 11.45
CA GLU A 847 33.25 9.92 11.08
C GLU A 847 32.92 11.10 10.16
N GLN A 848 33.53 12.26 10.41
CA GLN A 848 33.35 13.38 9.50
C GLN A 848 33.90 13.05 8.12
N ARG A 849 35.08 12.43 8.07
CA ARG A 849 35.60 11.93 6.80
C ARG A 849 34.68 10.87 6.21
N GLN A 850 34.14 10.01 7.08
CA GLN A 850 33.27 8.93 6.64
C GLN A 850 32.04 9.47 5.92
N LYS A 851 31.21 10.26 6.62
CA LYS A 851 30.00 10.77 6.01
C LYS A 851 30.32 11.67 4.83
N ASN A 852 31.35 12.52 4.95
CA ASN A 852 31.70 13.40 3.84
C ASN A 852 32.09 12.60 2.60
N PHE A 853 32.90 11.56 2.77
CA PHE A 853 33.29 10.74 1.63
C PHE A 853 32.07 10.09 0.99
N VAL A 854 31.17 9.54 1.80
CA VAL A 854 29.95 8.94 1.26
C VAL A 854 29.15 9.99 0.50
N ASP A 855 29.28 11.26 0.88
CA ASP A 855 28.70 12.32 0.07
C ASP A 855 29.49 12.54 -1.21
N LEU A 856 30.81 12.34 -1.16
CA LEU A 856 31.58 12.34 -2.40
C LEU A 856 31.30 11.11 -3.25
N ALA A 857 30.68 10.08 -2.66
CA ALA A 857 30.28 8.88 -3.40
C ALA A 857 28.81 8.89 -3.78
N CYS A 858 27.94 9.39 -2.90
CA CYS A 858 26.51 9.34 -3.16
C CYS A 858 26.12 10.10 -4.42
N GLU A 859 26.86 11.15 -4.77
CA GLU A 859 26.58 11.94 -5.96
C GLU A 859 27.14 11.32 -7.23
N CYS A 860 27.44 10.02 -7.21
CA CYS A 860 28.08 9.33 -8.31
C CYS A 860 27.21 8.17 -8.77
N SER A 861 27.10 8.01 -10.09
CA SER A 861 26.42 6.85 -10.68
C SER A 861 27.40 5.77 -11.10
N ALA A 862 28.69 5.96 -10.85
CA ALA A 862 29.70 4.94 -11.14
C ALA A 862 30.93 5.23 -10.30
N VAL A 863 31.25 4.34 -9.36
CA VAL A 863 32.45 4.46 -8.54
C VAL A 863 33.10 3.08 -8.47
N ILE A 864 34.41 3.04 -8.60
CA ILE A 864 35.16 1.80 -8.63
C ILE A 864 35.73 1.60 -7.22
N CYS A 865 34.97 0.92 -6.37
CA CYS A 865 35.41 0.49 -5.06
C CYS A 865 35.82 -0.98 -5.20
N CYS A 866 37.11 -1.26 -5.11
CA CYS A 866 37.61 -2.59 -5.39
C CYS A 866 38.64 -2.99 -4.34
N ARG A 867 39.18 -4.21 -4.51
CA ARG A 867 40.07 -4.83 -3.52
C ARG A 867 39.44 -4.82 -2.14
N VAL A 868 38.13 -5.06 -2.06
CA VAL A 868 37.40 -5.10 -0.80
C VAL A 868 36.95 -6.52 -0.55
N THR A 869 37.30 -7.05 0.63
CA THR A 869 36.96 -8.40 1.02
C THR A 869 35.48 -8.49 1.42
N PRO A 870 34.90 -9.71 1.42
CA PRO A 870 33.56 -9.91 1.99
C PRO A 870 33.25 -9.05 3.21
N LYS A 871 34.19 -9.01 4.16
CA LYS A 871 34.01 -8.17 5.34
C LYS A 871 33.81 -6.72 4.96
N GLN A 872 34.44 -6.27 3.87
CA GLN A 872 34.32 -4.91 3.41
C GLN A 872 33.23 -4.73 2.36
N LYS A 873 32.54 -5.79 1.96
CA LYS A 873 31.38 -5.62 1.09
C LYS A 873 30.22 -5.01 1.86
N ALA A 874 29.76 -5.69 2.91
CA ALA A 874 28.63 -5.20 3.69
C ALA A 874 28.93 -3.87 4.36
N MET A 875 30.19 -3.61 4.68
CA MET A 875 30.54 -2.36 5.35
C MET A 875 30.18 -1.17 4.49
N VAL A 876 30.52 -1.22 3.20
CA VAL A 876 30.21 -0.10 2.30
C VAL A 876 28.70 0.05 2.17
N VAL A 877 27.97 -1.06 2.11
CA VAL A 877 26.51 -0.98 1.99
C VAL A 877 25.91 -0.47 3.29
N ASP A 878 26.52 -0.79 4.44
CA ASP A 878 26.12 -0.16 5.70
C ASP A 878 26.20 1.36 5.60
N LEU A 879 27.33 1.88 5.10
CA LEU A 879 27.61 3.30 5.22
C LEU A 879 26.55 4.14 4.51
N VAL A 880 26.30 3.85 3.24
CA VAL A 880 25.33 4.66 2.49
C VAL A 880 23.91 4.34 2.96
N LYS A 881 23.65 3.08 3.35
CA LYS A 881 22.33 2.75 3.86
C LYS A 881 22.01 3.51 5.14
N ARG A 882 23.00 3.63 6.04
CA ARG A 882 22.79 4.33 7.30
C ARG A 882 22.99 5.84 7.18
N TYR A 883 24.19 6.27 6.80
CA TYR A 883 24.55 7.68 6.83
C TYR A 883 24.05 8.45 5.62
N LYS A 884 23.13 7.89 4.85
CA LYS A 884 22.40 8.66 3.85
C LYS A 884 20.91 8.38 3.82
N LYS A 885 20.44 7.29 4.44
CA LYS A 885 19.04 6.88 4.39
C LYS A 885 18.59 6.49 3.00
N ALA A 886 19.51 6.42 2.04
CA ALA A 886 19.16 6.07 0.67
C ALA A 886 18.81 4.59 0.59
N ILE A 887 17.95 4.25 -0.35
CA ILE A 887 17.47 2.88 -0.51
C ILE A 887 18.45 2.13 -1.39
N THR A 888 18.91 0.98 -0.92
CA THR A 888 20.01 0.26 -1.53
C THR A 888 19.56 -1.13 -1.96
N LEU A 889 19.80 -1.46 -3.22
CA LEU A 889 19.74 -2.82 -3.73
C LEU A 889 21.15 -3.31 -3.97
N ALA A 890 21.32 -4.62 -4.05
CA ALA A 890 22.63 -5.20 -4.28
C ALA A 890 22.48 -6.47 -5.09
N ILE A 891 23.09 -6.50 -6.28
CA ILE A 891 23.15 -7.69 -7.12
C ILE A 891 24.52 -8.33 -6.93
N GLY A 892 24.54 -9.57 -6.49
CA GLY A 892 25.76 -10.19 -6.00
C GLY A 892 26.04 -11.56 -6.56
N ASP A 893 26.97 -12.26 -5.92
CA ASP A 893 27.60 -13.43 -6.52
C ASP A 893 28.47 -14.14 -5.49
N GLY A 894 28.35 -15.46 -5.43
CA GLY A 894 29.26 -16.27 -4.66
C GLY A 894 29.07 -16.15 -3.17
N ALA A 895 29.86 -16.94 -2.44
CA ALA A 895 29.84 -16.87 -0.99
C ALA A 895 30.41 -15.56 -0.48
N ASN A 896 31.35 -14.96 -1.22
CA ASN A 896 32.06 -13.79 -0.72
C ASN A 896 31.14 -12.58 -0.56
N ASP A 897 30.00 -12.54 -1.25
CA ASP A 897 29.11 -11.38 -1.21
C ASP A 897 27.83 -11.64 -0.42
N VAL A 898 27.70 -12.80 0.22
CA VAL A 898 26.52 -13.04 1.05
C VAL A 898 26.39 -12.00 2.14
N ASN A 899 27.51 -11.38 2.53
CA ASN A 899 27.48 -10.40 3.60
C ASN A 899 26.66 -9.18 3.19
N MET A 900 27.07 -8.48 2.13
CA MET A 900 26.43 -7.21 1.81
C MET A 900 24.98 -7.42 1.39
N ILE A 901 24.69 -8.53 0.72
CA ILE A 901 23.34 -8.76 0.21
C ILE A 901 22.34 -8.79 1.36
N LYS A 902 22.78 -9.17 2.56
CA LYS A 902 21.96 -8.99 3.76
C LYS A 902 21.83 -7.53 4.13
N THR A 903 22.92 -6.77 3.97
CA THR A 903 22.91 -5.38 4.41
C THR A 903 21.94 -4.53 3.59
N ALA A 904 22.00 -4.63 2.27
CA ALA A 904 21.23 -3.75 1.42
C ALA A 904 19.74 -3.96 1.63
N HIS A 905 18.97 -2.89 1.44
CA HIS A 905 17.52 -2.98 1.59
C HIS A 905 16.97 -4.08 0.70
N ILE A 906 17.43 -4.14 -0.54
CA ILE A 906 17.12 -5.23 -1.45
C ILE A 906 18.41 -6.01 -1.69
N GLY A 907 18.32 -7.32 -1.56
CA GLY A 907 19.42 -8.21 -1.86
C GLY A 907 19.14 -8.97 -3.14
N VAL A 908 20.07 -8.89 -4.08
CA VAL A 908 19.97 -9.60 -5.34
C VAL A 908 21.25 -10.39 -5.53
N GLY A 909 21.11 -11.64 -5.96
CA GLY A 909 22.27 -12.50 -6.17
C GLY A 909 22.13 -13.28 -7.46
N ILE A 910 23.14 -13.21 -8.31
CA ILE A 910 23.09 -13.85 -9.61
C ILE A 910 23.51 -15.30 -9.45
N SER A 911 22.83 -16.19 -10.19
CA SER A 911 23.11 -17.62 -10.07
C SER A 911 24.57 -17.91 -10.37
N GLY A 912 25.08 -17.40 -11.48
CA GLY A 912 26.50 -17.54 -11.77
C GLY A 912 26.94 -18.99 -11.82
N GLN A 913 28.25 -19.16 -11.66
CA GLN A 913 28.87 -20.48 -11.64
C GLN A 913 29.88 -20.58 -10.51
N GLU A 914 29.60 -19.90 -9.40
CA GLU A 914 30.46 -19.93 -8.22
C GLU A 914 29.61 -20.15 -6.97
N GLY A 915 28.67 -21.09 -7.05
CA GLY A 915 27.93 -21.54 -5.90
C GLY A 915 26.64 -20.76 -5.68
N MET A 916 25.64 -21.46 -5.17
CA MET A 916 24.35 -20.86 -4.84
C MET A 916 24.36 -20.25 -3.44
N GLN A 917 25.37 -19.41 -3.18
CA GLN A 917 25.53 -18.81 -1.86
C GLN A 917 24.87 -17.44 -1.80
N ALA A 918 25.28 -16.52 -2.69
CA ALA A 918 24.61 -15.23 -2.77
C ALA A 918 23.15 -15.40 -3.17
N VAL A 919 22.83 -16.44 -3.94
CA VAL A 919 21.44 -16.69 -4.33
C VAL A 919 20.60 -16.96 -3.09
N MET A 920 21.10 -17.80 -2.20
CA MET A 920 20.34 -18.22 -1.03
C MET A 920 20.34 -17.18 0.09
N SER A 921 21.08 -16.10 -0.05
CA SER A 921 21.16 -15.04 0.94
C SER A 921 20.80 -13.70 0.30
N SER A 922 19.68 -13.68 -0.41
CA SER A 922 19.26 -12.49 -1.16
C SER A 922 17.74 -12.36 -1.08
N ASP A 923 17.23 -11.32 -1.71
CA ASP A 923 15.79 -11.04 -1.79
C ASP A 923 15.21 -11.41 -3.15
N TYR A 924 15.79 -10.90 -4.24
CA TYR A 924 15.39 -11.26 -5.59
C TYR A 924 16.61 -11.73 -6.36
N SER A 925 16.60 -12.98 -6.81
CA SER A 925 17.73 -13.59 -7.50
C SER A 925 17.32 -14.03 -8.89
N PHE A 926 18.21 -13.82 -9.86
CA PHE A 926 17.99 -14.25 -11.23
C PHE A 926 19.36 -14.63 -11.81
N ALA A 927 19.43 -14.74 -13.14
CA ALA A 927 20.58 -15.38 -13.79
C ALA A 927 21.55 -14.40 -14.43
N GLN A 928 21.10 -13.27 -14.95
CA GLN A 928 21.97 -12.35 -15.66
C GLN A 928 21.67 -10.91 -15.28
N PHE A 929 22.73 -10.11 -15.20
CA PHE A 929 22.60 -8.71 -14.83
C PHE A 929 21.67 -7.96 -15.78
N ARG A 930 21.64 -8.33 -17.06
CA ARG A 930 20.76 -7.66 -18.01
C ARG A 930 19.29 -7.76 -17.59
N TYR A 931 18.93 -8.79 -16.81
CA TYR A 931 17.59 -8.92 -16.28
C TYR A 931 17.27 -7.87 -15.23
N LEU A 932 18.27 -7.12 -14.76
CA LEU A 932 18.02 -6.04 -13.83
C LEU A 932 17.19 -4.93 -14.45
N GLN A 933 17.13 -4.86 -15.78
CA GLN A 933 16.29 -3.90 -16.47
C GLN A 933 14.83 -4.04 -16.04
N ARG A 934 14.23 -5.18 -16.34
CA ARG A 934 12.81 -5.38 -16.05
C ARG A 934 12.53 -5.44 -14.56
N LEU A 935 13.54 -5.68 -13.72
CA LEU A 935 13.31 -5.73 -12.28
C LEU A 935 12.97 -4.36 -11.74
N LEU A 936 13.62 -3.32 -12.25
CA LEU A 936 13.46 -1.96 -11.76
C LEU A 936 12.62 -1.09 -12.68
N LEU A 937 12.91 -1.08 -13.97
CA LEU A 937 12.20 -0.21 -14.90
C LEU A 937 10.80 -0.73 -15.24
N VAL A 938 10.52 -2.01 -15.01
CA VAL A 938 9.24 -2.62 -15.32
C VAL A 938 8.55 -3.14 -14.07
N HIS A 939 9.30 -3.86 -13.23
CA HIS A 939 8.72 -4.47 -12.04
C HIS A 939 8.82 -3.55 -10.83
N GLY A 940 10.01 -3.00 -10.58
CA GLY A 940 10.15 -2.05 -9.48
C GLY A 940 9.38 -0.77 -9.73
N ARG A 941 9.47 -0.23 -10.95
CA ARG A 941 8.80 1.02 -11.26
C ARG A 941 7.28 0.89 -11.16
N TRP A 942 6.71 -0.13 -11.80
CA TRP A 942 5.27 -0.34 -11.70
C TRP A 942 4.87 -0.66 -10.26
N SER A 943 5.73 -1.40 -9.54
CA SER A 943 5.40 -1.78 -8.17
C SER A 943 5.23 -0.56 -7.28
N TYR A 944 6.14 0.41 -7.40
CA TYR A 944 6.00 1.65 -6.64
C TYR A 944 4.74 2.41 -7.02
N ILE A 945 4.54 2.65 -8.33
CA ILE A 945 3.33 3.34 -8.77
C ILE A 945 2.09 2.55 -8.37
N ARG A 946 2.15 1.23 -8.53
CA ARG A 946 1.05 0.40 -8.06
C ARG A 946 0.90 0.47 -6.54
N MET A 947 2.00 0.60 -5.82
CA MET A 947 1.96 0.63 -4.36
C MET A 947 1.45 1.95 -3.83
N CYS A 948 2.16 3.03 -4.16
CA CYS A 948 1.85 4.32 -3.53
C CYS A 948 0.68 5.04 -4.21
N LYS A 949 0.18 4.55 -5.35
CA LYS A 949 -1.15 4.96 -5.78
C LYS A 949 -2.23 4.23 -5.00
N PHE A 950 -1.95 3.01 -4.53
CA PHE A 950 -2.86 2.33 -3.63
C PHE A 950 -3.01 3.09 -2.32
N LEU A 951 -1.90 3.58 -1.76
CA LEU A 951 -1.96 4.32 -0.50
C LEU A 951 -2.81 5.58 -0.64
N ARG A 952 -2.54 6.39 -1.67
CA ARG A 952 -3.29 7.64 -1.84
C ARG A 952 -4.78 7.38 -1.89
N TYR A 953 -5.20 6.35 -2.60
CA TYR A 953 -6.62 5.98 -2.62
C TYR A 953 -7.05 5.30 -1.33
N PHE A 954 -6.12 4.73 -0.56
CA PHE A 954 -6.52 3.91 0.57
C PHE A 954 -6.78 4.76 1.80
N PHE A 955 -5.94 5.78 2.04
CA PHE A 955 -6.23 6.75 3.08
C PHE A 955 -7.41 7.63 2.68
N TYR A 956 -7.44 8.09 1.43
CA TYR A 956 -8.58 8.85 0.94
C TYR A 956 -9.91 8.15 1.20
N LYS A 957 -10.04 6.91 0.73
CA LYS A 957 -11.32 6.25 0.82
C LYS A 957 -11.77 6.09 2.27
N ASN A 958 -10.85 6.16 3.23
CA ASN A 958 -11.18 6.03 4.65
C ASN A 958 -11.43 7.38 5.32
N PHE A 959 -10.58 8.37 5.02
CA PHE A 959 -10.81 9.70 5.56
C PHE A 959 -12.10 10.30 5.03
N ALA A 960 -12.33 10.20 3.71
CA ALA A 960 -13.60 10.62 3.14
C ALA A 960 -14.76 9.77 3.65
N PHE A 961 -14.47 8.60 4.22
CA PHE A 961 -15.50 7.73 4.75
C PHE A 961 -15.95 8.16 6.14
N THR A 962 -15.02 8.19 7.10
CA THR A 962 -15.38 8.49 8.47
C THR A 962 -15.83 9.94 8.62
N LEU A 963 -15.16 10.87 7.95
CA LEU A 963 -15.37 12.29 8.22
C LEU A 963 -16.81 12.74 7.98
N VAL A 964 -17.66 11.91 7.38
CA VAL A 964 -19.10 12.18 7.43
C VAL A 964 -19.57 12.15 8.88
N HIS A 965 -18.92 11.33 9.71
CA HIS A 965 -19.26 11.30 11.12
C HIS A 965 -18.98 12.66 11.76
N PHE A 966 -17.86 13.28 11.37
CA PHE A 966 -17.50 14.61 11.85
C PHE A 966 -18.58 15.63 11.51
N TRP A 967 -18.96 15.70 10.23
CA TRP A 967 -19.91 16.72 9.81
C TRP A 967 -21.29 16.45 10.36
N TYR A 968 -21.73 15.19 10.31
CA TYR A 968 -23.03 14.85 10.87
C TYR A 968 -23.05 15.05 12.37
N SER A 969 -21.87 15.13 13.00
CA SER A 969 -21.82 15.43 14.43
C SER A 969 -22.32 16.84 14.71
N PHE A 970 -21.97 17.80 13.84
CA PHE A 970 -22.42 19.17 14.03
C PHE A 970 -23.94 19.28 14.04
N PHE A 971 -24.62 18.37 13.38
CA PHE A 971 -26.07 18.44 13.20
C PHE A 971 -26.82 17.36 14.00
N ASN A 972 -26.19 16.82 15.05
CA ASN A 972 -26.86 15.88 15.94
C ASN A 972 -26.51 16.16 17.40
N GLY A 973 -26.12 17.39 17.70
CA GLY A 973 -25.68 17.71 19.04
C GLY A 973 -24.25 17.31 19.33
N TYR A 974 -23.39 17.30 18.31
CA TYR A 974 -21.99 16.92 18.47
C TYR A 974 -21.84 15.57 19.16
N SER A 975 -22.85 14.71 19.01
CA SER A 975 -22.98 13.51 19.82
C SER A 975 -22.24 12.31 19.26
N ALA A 976 -21.63 12.43 18.08
CA ALA A 976 -20.90 11.32 17.45
C ALA A 976 -21.84 10.17 17.08
N GLN A 977 -22.80 10.48 16.21
CA GLN A 977 -23.70 9.47 15.67
C GLN A 977 -23.14 8.90 14.38
N THR A 978 -23.48 7.64 14.10
CA THR A 978 -23.06 7.01 12.86
C THR A 978 -23.88 7.57 11.71
N ALA A 979 -23.21 8.13 10.71
CA ALA A 979 -23.89 8.60 9.50
C ALA A 979 -24.14 7.48 8.50
N TYR A 980 -23.65 6.27 8.77
CA TYR A 980 -23.79 5.14 7.85
C TYR A 980 -24.56 4.01 8.53
N GLU A 981 -24.92 3.01 7.72
CA GLU A 981 -25.44 1.79 8.27
C GLU A 981 -24.39 1.15 9.18
N ASP A 982 -24.85 0.28 10.07
CA ASP A 982 -23.92 -0.36 11.00
C ASP A 982 -22.88 -1.18 10.25
N TRP A 983 -23.31 -1.91 9.21
CA TRP A 983 -22.42 -2.79 8.46
C TRP A 983 -21.70 -2.11 7.31
N PHE A 984 -22.05 -0.87 6.98
CA PHE A 984 -21.28 -0.20 5.94
C PHE A 984 -19.86 0.12 6.39
N ILE A 985 -19.56 0.03 7.69
CA ILE A 985 -18.21 0.32 8.16
C ILE A 985 -17.35 -0.94 8.09
N THR A 986 -17.94 -2.09 8.37
CA THR A 986 -17.24 -3.36 8.29
C THR A 986 -16.73 -3.60 6.87
N LEU A 987 -17.66 -3.74 5.92
CA LEU A 987 -17.34 -4.19 4.58
C LEU A 987 -16.66 -3.12 3.73
N TYR A 988 -16.68 -1.86 4.14
CA TYR A 988 -16.11 -0.81 3.31
C TYR A 988 -14.63 -1.04 3.07
N ASN A 989 -13.89 -1.41 4.11
CA ASN A 989 -12.45 -1.58 3.99
C ASN A 989 -12.04 -2.90 3.38
N VAL A 990 -12.94 -3.88 3.35
CA VAL A 990 -12.60 -5.22 2.90
C VAL A 990 -13.35 -5.65 1.64
N LEU A 991 -14.47 -5.03 1.31
CA LEU A 991 -15.33 -5.53 0.23
C LEU A 991 -15.69 -4.46 -0.80
N TYR A 992 -15.87 -3.21 -0.38
CA TYR A 992 -16.42 -2.18 -1.24
C TYR A 992 -15.35 -1.34 -1.92
N THR A 993 -14.14 -1.34 -1.38
CA THR A 993 -13.04 -0.60 -2.00
C THR A 993 -11.72 -1.37 -1.96
N SER A 994 -11.75 -2.66 -1.66
CA SER A 994 -10.53 -3.45 -1.55
C SER A 994 -10.11 -4.04 -2.89
N LEU A 995 -11.07 -4.56 -3.67
CA LEU A 995 -10.71 -5.19 -4.94
C LEU A 995 -10.15 -4.17 -5.93
N PRO A 996 -10.88 -3.12 -6.32
CA PRO A 996 -10.37 -2.25 -7.40
C PRO A 996 -9.04 -1.62 -7.11
N VAL A 997 -8.76 -1.29 -5.84
CA VAL A 997 -7.45 -0.72 -5.51
C VAL A 997 -6.38 -1.81 -5.52
N LEU A 998 -6.75 -3.05 -5.24
CA LEU A 998 -5.78 -4.13 -5.29
C LEU A 998 -5.35 -4.42 -6.72
N LEU A 999 -6.33 -4.57 -7.62
CA LEU A 999 -6.02 -4.85 -9.02
C LEU A 999 -5.20 -3.71 -9.62
N MET A 1000 -5.58 -2.46 -9.32
CA MET A 1000 -4.72 -1.35 -9.68
C MET A 1000 -3.32 -1.51 -9.12
N GLY A 1001 -3.21 -2.14 -7.95
CA GLY A 1001 -1.93 -2.39 -7.35
C GLY A 1001 -1.16 -3.55 -7.96
N LEU A 1002 -1.75 -4.25 -8.93
CA LEU A 1002 -1.11 -5.37 -9.59
C LEU A 1002 -1.06 -5.24 -11.10
N LEU A 1003 -1.82 -4.32 -11.71
CA LEU A 1003 -1.95 -4.25 -13.15
C LEU A 1003 -1.81 -2.84 -13.72
N ASP A 1004 -1.66 -1.82 -12.88
CA ASP A 1004 -1.67 -0.45 -13.36
C ASP A 1004 -0.37 -0.10 -14.07
N GLN A 1005 -0.35 -0.24 -15.39
CA GLN A 1005 0.79 0.14 -16.20
C GLN A 1005 0.54 1.52 -16.78
N ASP A 1006 1.28 2.52 -16.29
CA ASP A 1006 1.19 3.85 -16.88
C ASP A 1006 1.61 3.82 -18.34
N VAL A 1007 2.49 2.90 -18.72
CA VAL A 1007 2.89 2.67 -20.10
C VAL A 1007 3.15 1.17 -20.26
N SER A 1008 3.31 0.75 -21.51
CA SER A 1008 3.52 -0.66 -21.80
C SER A 1008 4.91 -1.09 -21.35
N ASP A 1009 5.06 -2.42 -21.19
CA ASP A 1009 6.36 -2.95 -20.76
C ASP A 1009 7.45 -2.61 -21.78
N LYS A 1010 7.13 -2.72 -23.07
CA LYS A 1010 8.08 -2.31 -24.10
C LYS A 1010 8.38 -0.81 -24.00
N LEU A 1011 7.34 -0.01 -23.75
CA LEU A 1011 7.54 1.43 -23.62
C LEU A 1011 8.18 1.78 -22.28
N SER A 1012 7.94 0.95 -21.25
CA SER A 1012 8.59 1.17 -19.96
C SER A 1012 10.11 1.07 -20.08
N LEU A 1013 10.59 0.07 -20.83
CA LEU A 1013 12.03 -0.05 -21.07
C LEU A 1013 12.50 0.98 -22.07
N ARG A 1014 11.64 1.41 -23.00
CA ARG A 1014 12.04 2.40 -23.99
C ARG A 1014 12.26 3.77 -23.34
N PHE A 1015 11.55 4.05 -22.25
CA PHE A 1015 11.65 5.33 -21.53
C PHE A 1015 12.06 5.04 -20.09
N PRO A 1016 13.36 4.95 -19.80
CA PRO A 1016 13.78 4.79 -18.40
C PRO A 1016 13.53 6.02 -17.54
N GLY A 1017 13.17 7.15 -18.13
CA GLY A 1017 12.95 8.37 -17.36
C GLY A 1017 11.75 8.31 -16.44
N LEU A 1018 10.85 7.37 -16.66
CA LEU A 1018 9.70 7.22 -15.78
C LEU A 1018 10.08 6.77 -14.38
N TYR A 1019 11.33 6.34 -14.17
CA TYR A 1019 11.76 5.86 -12.87
C TYR A 1019 11.93 6.99 -11.87
N ILE A 1020 12.00 8.23 -12.34
CA ILE A 1020 12.29 9.36 -11.44
C ILE A 1020 11.22 9.48 -10.36
N VAL A 1021 10.01 8.99 -10.63
CA VAL A 1021 8.91 9.15 -9.69
C VAL A 1021 9.21 8.43 -8.39
N GLY A 1022 9.65 7.16 -8.50
CA GLY A 1022 9.88 6.36 -7.30
C GLY A 1022 11.04 6.86 -6.45
N GLN A 1023 12.16 7.21 -7.08
CA GLN A 1023 13.32 7.65 -6.33
C GLN A 1023 13.05 8.94 -5.59
N ARG A 1024 12.56 9.96 -6.30
CA ARG A 1024 12.22 11.23 -5.68
C ARG A 1024 10.99 11.13 -4.79
N ASP A 1025 10.26 10.03 -4.85
CA ASP A 1025 9.07 9.82 -4.04
C ASP A 1025 8.03 10.90 -4.29
N LEU A 1026 7.96 11.40 -5.52
CA LEU A 1026 7.02 12.46 -5.84
C LEU A 1026 5.58 12.01 -5.63
N LEU A 1027 5.26 10.78 -6.04
CA LEU A 1027 3.86 10.44 -6.19
C LEU A 1027 3.19 10.29 -4.83
N PHE A 1028 3.99 10.16 -3.77
CA PHE A 1028 3.50 10.10 -2.39
C PHE A 1028 4.52 10.76 -1.47
N ASN A 1029 4.03 11.63 -0.59
CA ASN A 1029 4.85 12.31 0.41
C ASN A 1029 4.05 12.35 1.71
N TYR A 1030 4.55 13.13 2.67
CA TYR A 1030 3.76 13.40 3.87
C TYR A 1030 2.63 14.37 3.56
N LYS A 1031 2.88 15.37 2.71
CA LYS A 1031 1.83 16.30 2.34
C LYS A 1031 0.71 15.59 1.57
N ARG A 1032 1.08 14.68 0.67
CA ARG A 1032 0.07 13.97 -0.10
C ARG A 1032 -0.82 13.09 0.78
N PHE A 1033 -0.35 12.76 1.99
CA PHE A 1033 -1.22 12.09 2.94
C PHE A 1033 -2.34 13.01 3.40
N PHE A 1034 -2.02 14.28 3.67
CA PHE A 1034 -3.04 15.23 4.08
C PHE A 1034 -3.90 15.67 2.92
N VAL A 1035 -3.34 15.73 1.71
CA VAL A 1035 -4.16 16.00 0.53
C VAL A 1035 -5.22 14.92 0.39
N SER A 1036 -4.86 13.67 0.66
CA SER A 1036 -5.85 12.60 0.72
C SER A 1036 -6.80 12.76 1.90
N LEU A 1037 -6.42 13.55 2.91
CA LEU A 1037 -7.32 13.88 4.01
C LEU A 1037 -8.18 15.08 3.66
N LEU A 1038 -7.56 16.20 3.29
CA LEU A 1038 -8.31 17.39 2.92
C LEU A 1038 -9.26 17.10 1.76
N HIS A 1039 -8.75 16.43 0.72
CA HIS A 1039 -9.63 16.01 -0.37
C HIS A 1039 -10.66 15.00 0.14
N GLY A 1040 -10.36 14.32 1.24
CA GLY A 1040 -11.38 13.53 1.93
C GLY A 1040 -12.28 14.35 2.83
N VAL A 1041 -11.76 15.47 3.35
CA VAL A 1041 -12.62 16.41 4.07
C VAL A 1041 -13.58 17.08 3.11
N LEU A 1042 -13.07 17.57 1.97
CA LEU A 1042 -13.93 18.18 0.97
C LEU A 1042 -14.95 17.18 0.44
N THR A 1043 -14.50 15.97 0.15
CA THR A 1043 -15.41 14.94 -0.36
C THR A 1043 -16.45 14.58 0.68
N SER A 1044 -16.04 14.42 1.95
CA SER A 1044 -16.99 14.06 2.98
C SER A 1044 -18.06 15.13 3.18
N MET A 1045 -17.68 16.40 3.07
CA MET A 1045 -18.68 17.48 3.07
C MET A 1045 -19.67 17.29 1.94
N ILE A 1046 -19.18 17.07 0.72
CA ILE A 1046 -20.05 16.98 -0.44
C ILE A 1046 -21.00 15.81 -0.29
N LEU A 1047 -20.49 14.65 0.15
CA LEU A 1047 -21.36 13.51 0.38
C LEU A 1047 -22.40 13.80 1.45
N PHE A 1048 -22.06 14.65 2.42
CA PHE A 1048 -22.97 14.94 3.52
C PHE A 1048 -23.87 16.14 3.21
N PHE A 1049 -23.29 17.26 2.82
CA PHE A 1049 -24.05 18.50 2.74
C PHE A 1049 -24.96 18.54 1.51
N ILE A 1050 -24.52 17.97 0.39
CA ILE A 1050 -25.39 17.95 -0.80
C ILE A 1050 -26.68 17.20 -0.52
N PRO A 1051 -26.66 15.99 0.05
CA PRO A 1051 -27.92 15.43 0.55
C PRO A 1051 -28.57 16.27 1.63
N LEU A 1052 -27.77 16.90 2.50
CA LEU A 1052 -28.34 17.74 3.56
C LEU A 1052 -29.20 18.85 2.96
N GLY A 1053 -28.63 19.62 2.04
CA GLY A 1053 -29.41 20.66 1.38
C GLY A 1053 -30.61 20.08 0.65
N ALA A 1054 -30.42 18.91 0.04
CA ALA A 1054 -31.53 18.20 -0.59
C ALA A 1054 -32.45 17.54 0.43
N TYR A 1055 -32.01 17.36 1.68
CA TYR A 1055 -32.84 16.79 2.71
C TYR A 1055 -33.48 17.84 3.62
N LEU A 1056 -32.91 19.04 3.70
CA LEU A 1056 -33.57 20.11 4.44
C LEU A 1056 -34.93 20.41 3.84
N GLN A 1057 -35.01 20.51 2.51
CA GLN A 1057 -36.28 20.60 1.80
C GLN A 1057 -36.77 19.19 1.46
N THR A 1058 -37.91 19.13 0.79
CA THR A 1058 -38.41 17.84 0.32
C THR A 1058 -37.52 17.31 -0.80
N VAL A 1059 -37.34 15.99 -0.82
CA VAL A 1059 -36.50 15.32 -1.80
C VAL A 1059 -37.36 14.33 -2.57
N GLY A 1060 -38.65 14.65 -2.70
CA GLY A 1060 -39.60 13.76 -3.33
C GLY A 1060 -40.61 13.23 -2.33
N GLN A 1061 -40.93 14.06 -1.33
CA GLN A 1061 -41.80 13.62 -0.25
C GLN A 1061 -43.21 13.37 -0.77
N ASP A 1062 -43.68 12.15 -0.62
CA ASP A 1062 -44.98 11.68 -1.08
C ASP A 1062 -45.47 10.66 -0.06
N GLY A 1063 -46.41 9.81 -0.47
CA GLY A 1063 -46.74 8.67 0.37
C GLY A 1063 -45.51 7.88 0.78
N GLU A 1064 -44.53 7.80 -0.13
CA GLU A 1064 -43.20 7.25 0.16
C GLU A 1064 -42.26 8.45 0.20
N ALA A 1065 -42.12 9.06 1.38
CA ALA A 1065 -41.37 10.30 1.53
C ALA A 1065 -40.05 10.07 2.24
N PRO A 1066 -38.97 9.74 1.52
CA PRO A 1066 -37.68 9.54 2.18
C PRO A 1066 -37.03 10.86 2.55
N SER A 1067 -37.11 11.22 3.83
CA SER A 1067 -36.38 12.36 4.36
C SER A 1067 -35.78 12.06 5.72
N ASP A 1068 -35.60 10.78 6.06
CA ASP A 1068 -35.18 10.38 7.39
C ASP A 1068 -33.67 10.25 7.45
N TYR A 1069 -33.15 9.74 8.57
CA TYR A 1069 -31.72 9.55 8.72
C TYR A 1069 -31.22 8.33 7.95
N GLN A 1070 -32.01 7.26 7.91
CA GLN A 1070 -31.58 6.05 7.21
C GLN A 1070 -31.37 6.35 5.72
N SER A 1071 -32.37 6.95 5.07
CA SER A 1071 -32.19 7.35 3.68
C SER A 1071 -31.08 8.37 3.53
N PHE A 1072 -30.89 9.22 4.54
CA PHE A 1072 -29.73 10.11 4.55
C PHE A 1072 -28.44 9.30 4.56
N ALA A 1073 -28.41 8.21 5.32
CA ALA A 1073 -27.21 7.37 5.36
C ALA A 1073 -27.01 6.63 4.05
N VAL A 1074 -28.08 6.09 3.47
CA VAL A 1074 -27.97 5.33 2.24
C VAL A 1074 -27.48 6.22 1.10
N THR A 1075 -28.02 7.42 1.00
CA THR A 1075 -27.59 8.35 -0.04
C THR A 1075 -26.11 8.68 0.11
N ILE A 1076 -25.67 8.91 1.35
CA ILE A 1076 -24.26 9.19 1.59
C ILE A 1076 -23.41 7.98 1.23
N ALA A 1077 -23.87 6.79 1.62
CA ALA A 1077 -23.14 5.56 1.29
C ALA A 1077 -23.09 5.35 -0.21
N SER A 1078 -24.23 5.53 -0.90
CA SER A 1078 -24.29 5.33 -2.34
C SER A 1078 -23.37 6.29 -3.07
N ALA A 1079 -23.42 7.58 -2.70
CA ALA A 1079 -22.52 8.55 -3.30
C ALA A 1079 -21.07 8.34 -2.88
N LEU A 1080 -20.82 7.54 -1.85
CA LEU A 1080 -19.46 7.25 -1.41
C LEU A 1080 -18.80 6.22 -2.30
N VAL A 1081 -19.42 5.04 -2.43
CA VAL A 1081 -18.81 3.97 -3.22
C VAL A 1081 -18.64 4.41 -4.67
N ILE A 1082 -19.68 5.03 -5.25
CA ILE A 1082 -19.58 5.49 -6.63
C ILE A 1082 -18.48 6.54 -6.74
N THR A 1083 -18.41 7.47 -5.79
CA THR A 1083 -17.40 8.52 -5.84
C THR A 1083 -16.00 7.93 -5.79
N VAL A 1084 -15.78 6.94 -4.92
CA VAL A 1084 -14.44 6.37 -4.77
C VAL A 1084 -14.18 5.31 -5.83
N ASN A 1085 -15.17 4.49 -6.17
CA ASN A 1085 -14.97 3.49 -7.21
C ASN A 1085 -14.86 4.11 -8.59
N PHE A 1086 -15.46 5.29 -8.80
CA PHE A 1086 -15.11 6.07 -9.98
C PHE A 1086 -13.76 6.76 -9.80
N GLN A 1087 -13.41 7.11 -8.56
CA GLN A 1087 -12.11 7.70 -8.31
C GLN A 1087 -10.99 6.74 -8.68
N ILE A 1088 -11.11 5.48 -8.30
CA ILE A 1088 -10.10 4.51 -8.70
C ILE A 1088 -10.17 4.27 -10.20
N GLY A 1089 -11.39 4.26 -10.77
CA GLY A 1089 -11.51 4.21 -12.22
C GLY A 1089 -10.87 5.40 -12.89
N LEU A 1090 -10.99 6.58 -12.29
CA LEU A 1090 -10.28 7.76 -12.75
C LEU A 1090 -8.78 7.68 -12.48
N ASP A 1091 -8.33 6.70 -11.70
CA ASP A 1091 -6.93 6.53 -11.37
C ASP A 1091 -6.24 5.48 -12.23
N THR A 1092 -6.92 4.39 -12.57
CA THR A 1092 -6.30 3.32 -13.34
C THR A 1092 -5.95 3.83 -14.73
N SER A 1093 -4.66 3.80 -15.06
CA SER A 1093 -4.21 4.18 -16.39
C SER A 1093 -4.33 3.02 -17.37
N TYR A 1094 -4.24 1.79 -16.89
CA TYR A 1094 -4.25 0.59 -17.70
C TYR A 1094 -5.58 -0.13 -17.44
N TRP A 1095 -6.60 0.25 -18.20
CA TRP A 1095 -7.94 -0.29 -18.01
C TRP A 1095 -8.00 -1.66 -18.67
N THR A 1096 -7.64 -2.69 -17.90
CA THR A 1096 -7.79 -4.05 -18.36
C THR A 1096 -9.24 -4.48 -18.14
N PHE A 1097 -9.64 -5.55 -18.83
CA PHE A 1097 -11.01 -6.03 -18.67
C PHE A 1097 -11.28 -6.58 -17.28
N VAL A 1098 -10.24 -6.77 -16.47
CA VAL A 1098 -10.40 -7.12 -15.06
C VAL A 1098 -10.43 -5.88 -14.19
N ASN A 1099 -9.65 -4.86 -14.54
CA ASN A 1099 -9.74 -3.58 -13.82
C ASN A 1099 -11.12 -2.98 -13.97
N ALA A 1100 -11.66 -2.98 -15.19
CA ALA A 1100 -13.03 -2.51 -15.40
C ALA A 1100 -14.01 -3.38 -14.62
N PHE A 1101 -13.79 -4.70 -14.63
CA PHE A 1101 -14.65 -5.59 -13.88
C PHE A 1101 -14.56 -5.31 -12.38
N SER A 1102 -13.36 -5.01 -11.89
CA SER A 1102 -13.18 -4.75 -10.46
C SER A 1102 -13.94 -3.50 -10.04
N ILE A 1103 -13.89 -2.44 -10.85
CA ILE A 1103 -14.56 -1.19 -10.48
C ILE A 1103 -16.06 -1.36 -10.54
N PHE A 1104 -16.59 -1.66 -11.72
CA PHE A 1104 -18.03 -1.81 -11.87
C PHE A 1104 -18.54 -3.02 -11.07
N GLY A 1105 -17.74 -4.08 -10.99
CA GLY A 1105 -18.09 -5.17 -10.10
C GLY A 1105 -18.12 -4.74 -8.65
N SER A 1106 -17.18 -3.88 -8.25
CA SER A 1106 -17.18 -3.34 -6.89
C SER A 1106 -18.45 -2.55 -6.62
N ILE A 1107 -18.77 -1.60 -7.50
CA ILE A 1107 -19.99 -0.81 -7.32
C ILE A 1107 -21.21 -1.72 -7.42
N ALA A 1108 -21.22 -2.63 -8.40
CA ALA A 1108 -22.31 -3.60 -8.47
C ALA A 1108 -22.33 -4.47 -7.23
N LEU A 1109 -21.15 -4.80 -6.70
CA LEU A 1109 -21.09 -5.56 -5.45
C LEU A 1109 -21.68 -4.76 -4.30
N TYR A 1110 -21.34 -3.47 -4.19
CA TYR A 1110 -21.91 -2.64 -3.14
C TYR A 1110 -23.43 -2.63 -3.23
N PHE A 1111 -23.96 -2.30 -4.41
CA PHE A 1111 -25.40 -2.26 -4.59
C PHE A 1111 -26.00 -3.65 -4.52
N GLY A 1112 -25.25 -4.68 -4.91
CA GLY A 1112 -25.80 -6.01 -4.96
C GLY A 1112 -26.20 -6.53 -3.59
N ILE A 1113 -25.32 -6.38 -2.60
CA ILE A 1113 -25.60 -6.90 -1.27
C ILE A 1113 -26.28 -5.87 -0.38
N MET A 1114 -26.21 -4.58 -0.73
CA MET A 1114 -26.97 -3.57 -0.01
C MET A 1114 -28.46 -3.90 -0.04
N PHE A 1115 -28.98 -4.27 -1.22
CA PHE A 1115 -30.37 -4.68 -1.30
C PHE A 1115 -30.62 -5.92 -0.44
N ASP A 1116 -29.67 -6.86 -0.43
CA ASP A 1116 -29.76 -7.99 0.49
C ASP A 1116 -29.74 -7.52 1.93
N PHE A 1117 -28.79 -6.64 2.27
CA PHE A 1117 -28.74 -6.06 3.60
C PHE A 1117 -30.01 -5.27 3.91
N HIS A 1118 -30.60 -4.63 2.90
CA HIS A 1118 -31.81 -3.86 3.06
C HIS A 1118 -33.06 -4.64 2.69
N SER A 1119 -32.93 -5.91 2.32
CA SER A 1119 -34.10 -6.72 2.03
C SER A 1119 -34.82 -7.09 3.33
N ALA A 1120 -36.11 -7.41 3.20
CA ALA A 1120 -36.88 -7.84 4.36
C ALA A 1120 -36.42 -9.18 4.88
N GLY A 1121 -35.77 -10.00 4.05
CA GLY A 1121 -35.35 -11.32 4.50
C GLY A 1121 -34.30 -11.26 5.60
N ILE A 1122 -33.30 -10.41 5.46
CA ILE A 1122 -32.23 -10.34 6.44
C ILE A 1122 -32.70 -9.67 7.74
N HIS A 1123 -33.72 -8.83 7.68
CA HIS A 1123 -34.18 -8.13 8.87
C HIS A 1123 -34.58 -9.11 9.98
N VAL A 1124 -35.40 -10.11 9.64
CA VAL A 1124 -35.79 -11.10 10.64
C VAL A 1124 -34.58 -11.86 11.15
N LEU A 1125 -33.55 -11.99 10.32
CA LEU A 1125 -32.35 -12.71 10.75
C LEU A 1125 -31.67 -12.00 11.93
N PHE A 1126 -31.54 -10.68 11.85
CA PHE A 1126 -30.89 -9.89 12.90
C PHE A 1126 -31.53 -8.52 12.98
N PRO A 1127 -32.76 -8.45 13.51
CA PRO A 1127 -33.45 -7.14 13.55
C PRO A 1127 -32.67 -6.07 14.28
N SER A 1128 -31.98 -6.42 15.37
CA SER A 1128 -31.27 -5.44 16.16
C SER A 1128 -29.91 -5.07 15.59
N ALA A 1129 -29.43 -5.81 14.58
CA ALA A 1129 -28.12 -5.57 13.99
C ALA A 1129 -28.20 -5.22 12.52
N PHE A 1130 -29.13 -5.80 11.77
CA PHE A 1130 -29.41 -5.45 10.38
C PHE A 1130 -30.73 -4.70 10.37
N GLN A 1131 -30.66 -3.39 10.59
CA GLN A 1131 -31.84 -2.57 10.84
C GLN A 1131 -32.28 -1.75 9.64
N PHE A 1132 -31.37 -1.37 8.76
CA PHE A 1132 -31.75 -0.69 7.52
C PHE A 1132 -32.57 -1.64 6.66
N THR A 1133 -33.83 -1.30 6.41
CA THR A 1133 -34.72 -2.15 5.64
C THR A 1133 -35.49 -1.31 4.64
N GLY A 1134 -35.40 -1.69 3.36
CA GLY A 1134 -36.11 -1.00 2.31
C GLY A 1134 -35.66 0.44 2.15
N THR A 1135 -34.54 0.80 2.77
CA THR A 1135 -34.06 2.17 2.68
C THR A 1135 -33.51 2.47 1.30
N ALA A 1136 -32.70 1.57 0.76
CA ALA A 1136 -32.20 1.75 -0.60
C ALA A 1136 -33.32 1.61 -1.61
N SER A 1137 -34.18 0.61 -1.45
CA SER A 1137 -35.31 0.44 -2.34
C SER A 1137 -36.30 1.59 -2.27
N ASN A 1138 -36.27 2.37 -1.18
CA ASN A 1138 -37.08 3.57 -1.07
C ASN A 1138 -36.27 4.85 -1.25
N ALA A 1139 -34.95 4.76 -1.32
CA ALA A 1139 -34.11 5.92 -1.58
C ALA A 1139 -33.48 5.92 -2.96
N LEU A 1140 -33.33 4.77 -3.60
CA LEU A 1140 -32.75 4.70 -4.94
C LEU A 1140 -33.79 4.69 -6.04
N ARG A 1141 -35.07 4.58 -5.70
CA ARG A 1141 -36.14 4.69 -6.69
C ARG A 1141 -36.62 6.12 -6.89
N GLN A 1142 -36.25 7.04 -6.01
CA GLN A 1142 -36.63 8.44 -6.18
C GLN A 1142 -35.74 9.08 -7.24
N PRO A 1143 -36.29 9.68 -8.29
CA PRO A 1143 -35.42 10.44 -9.20
C PRO A 1143 -34.65 11.54 -8.49
N TYR A 1144 -35.26 12.17 -7.49
CA TYR A 1144 -34.57 13.25 -6.77
C TYR A 1144 -33.31 12.75 -6.09
N ILE A 1145 -33.39 11.60 -5.42
CA ILE A 1145 -32.23 11.07 -4.71
C ILE A 1145 -31.11 10.75 -5.69
N TRP A 1146 -31.43 10.01 -6.75
CA TRP A 1146 -30.43 9.74 -7.78
C TRP A 1146 -30.00 11.03 -8.46
N LEU A 1147 -30.96 11.92 -8.73
CA LEU A 1147 -30.63 13.25 -9.22
C LEU A 1147 -29.75 13.99 -8.22
N THR A 1148 -29.77 13.60 -6.95
CA THR A 1148 -28.85 14.10 -5.93
C THR A 1148 -27.56 13.31 -5.88
N ILE A 1149 -27.64 11.97 -5.95
CA ILE A 1149 -26.44 11.16 -5.99
C ILE A 1149 -25.63 11.49 -7.23
N ILE A 1150 -26.29 11.64 -8.38
CA ILE A 1150 -25.61 12.10 -9.58
C ILE A 1150 -24.98 13.46 -9.33
N LEU A 1151 -25.72 14.34 -8.66
CA LEU A 1151 -25.18 15.65 -8.31
C LEU A 1151 -24.00 15.52 -7.36
N THR A 1152 -24.18 14.77 -6.27
CA THR A 1152 -23.08 14.58 -5.32
C THR A 1152 -21.92 13.86 -5.97
N VAL A 1153 -22.20 12.82 -6.76
CA VAL A 1153 -21.15 12.13 -7.48
C VAL A 1153 -20.50 13.07 -8.50
N ALA A 1154 -21.32 13.83 -9.23
CA ALA A 1154 -20.77 14.79 -10.18
C ALA A 1154 -19.94 15.86 -9.48
N VAL A 1155 -20.49 16.44 -8.41
CA VAL A 1155 -19.74 17.43 -7.65
C VAL A 1155 -18.49 16.82 -7.06
N CYS A 1156 -18.51 15.51 -6.77
CA CYS A 1156 -17.34 14.86 -6.22
C CYS A 1156 -16.28 14.64 -7.30
N LEU A 1157 -16.69 14.27 -8.51
CA LEU A 1157 -15.78 13.85 -9.56
C LEU A 1157 -15.44 14.94 -10.56
N LEU A 1158 -16.41 15.75 -10.98
CA LEU A 1158 -16.12 16.79 -11.96
C LEU A 1158 -15.01 17.73 -11.51
N PRO A 1159 -15.01 18.25 -10.28
CA PRO A 1159 -13.84 19.00 -9.81
C PRO A 1159 -12.57 18.18 -9.81
N VAL A 1160 -12.67 16.87 -9.53
CA VAL A 1160 -11.50 16.01 -9.59
C VAL A 1160 -11.03 15.86 -11.02
N VAL A 1161 -11.97 15.58 -11.94
CA VAL A 1161 -11.61 15.49 -13.35
C VAL A 1161 -11.03 16.81 -13.83
N ALA A 1162 -11.60 17.93 -13.38
CA ALA A 1162 -11.12 19.24 -13.79
C ALA A 1162 -9.69 19.47 -13.31
N ILE A 1163 -9.39 19.12 -12.06
CA ILE A 1163 -8.04 19.36 -11.54
C ILE A 1163 -7.06 18.33 -12.08
N ARG A 1164 -7.49 17.08 -12.29
CA ARG A 1164 -6.62 16.12 -12.96
C ARG A 1164 -6.29 16.59 -14.38
N PHE A 1165 -7.29 17.07 -15.12
CA PHE A 1165 -7.01 17.59 -16.44
C PHE A 1165 -6.22 18.90 -16.35
N LEU A 1166 -6.63 19.80 -15.45
CA LEU A 1166 -5.95 21.07 -15.33
C LEU A 1166 -4.49 20.88 -14.88
N SER A 1167 -4.28 20.02 -13.89
CA SER A 1167 -2.92 19.70 -13.48
C SER A 1167 -2.16 18.99 -14.60
N MET A 1168 -2.84 18.09 -15.31
CA MET A 1168 -2.21 17.40 -16.43
C MET A 1168 -1.87 18.36 -17.57
N THR A 1169 -2.65 19.43 -17.73
CA THR A 1169 -2.38 20.39 -18.79
C THR A 1169 -1.27 21.36 -18.38
N ILE A 1170 -1.40 22.01 -17.23
CA ILE A 1170 -0.40 22.98 -16.79
C ILE A 1170 0.88 22.26 -16.40
N TRP A 1171 0.77 21.11 -15.74
CA TRP A 1171 1.91 20.32 -15.27
C TRP A 1171 1.74 18.88 -15.72
N PRO A 1172 1.91 18.61 -17.02
CA PRO A 1172 1.78 17.23 -17.49
C PRO A 1172 2.81 16.32 -16.83
N SER A 1173 2.37 15.11 -16.49
CA SER A 1173 3.27 14.15 -15.86
C SER A 1173 4.17 13.52 -16.91
N GLU A 1174 5.26 12.92 -16.43
CA GLU A 1174 6.19 12.25 -17.33
C GLU A 1174 5.48 11.14 -18.10
N SER A 1175 4.65 10.36 -17.40
CA SER A 1175 3.85 9.35 -18.09
C SER A 1175 2.86 10.00 -19.05
N ASP A 1176 2.23 11.11 -18.62
CA ASP A 1176 1.24 11.77 -19.47
C ASP A 1176 1.84 12.18 -20.81
N LYS A 1177 2.98 12.86 -20.78
CA LYS A 1177 3.60 13.31 -22.03
C LYS A 1177 3.94 12.11 -22.91
N ILE A 1178 4.46 11.05 -22.32
CA ILE A 1178 4.78 9.85 -23.09
C ILE A 1178 3.52 9.15 -23.57
N GLN A 1179 2.46 9.17 -22.75
CA GLN A 1179 1.26 8.41 -23.07
C GLN A 1179 0.38 9.09 -24.11
N LYS A 1180 0.53 10.40 -24.35
CA LYS A 1180 -0.32 11.04 -25.35
C LYS A 1180 -0.13 10.44 -26.73
N HIS A 1181 1.04 9.88 -27.00
CA HIS A 1181 1.35 9.34 -28.32
C HIS A 1181 0.90 7.89 -28.42
N ARG A 1182 0.53 7.48 -29.62
CA ARG A 1182 0.26 6.08 -29.92
C ARG A 1182 1.53 5.28 -30.21
N LYS A 1183 2.65 5.96 -30.43
CA LYS A 1183 3.92 5.29 -30.67
C LYS A 1183 4.90 5.55 -29.52
N LYS B 28 17.53 -23.17 -12.17
CA LYS B 28 16.68 -23.24 -10.98
C LYS B 28 15.44 -24.06 -11.26
N THR B 29 14.57 -23.56 -12.13
CA THR B 29 13.33 -24.22 -12.49
C THR B 29 13.13 -24.09 -13.99
N ARG B 30 12.01 -24.62 -14.48
CA ARG B 30 11.74 -24.67 -15.90
C ARG B 30 11.33 -23.29 -16.41
N ARG B 31 10.87 -23.22 -17.65
CA ARG B 31 10.52 -21.95 -18.25
C ARG B 31 9.22 -21.41 -17.65
N PRO B 32 9.13 -20.10 -17.38
CA PRO B 32 7.84 -19.53 -16.99
C PRO B 32 6.87 -19.56 -18.17
N ASP B 33 5.74 -20.23 -17.98
CA ASP B 33 4.79 -20.37 -19.07
C ASP B 33 4.35 -19.00 -19.56
N ASN B 34 4.37 -18.81 -20.88
CA ASN B 34 4.11 -17.51 -21.49
C ASN B 34 2.61 -17.26 -21.50
N THR B 35 2.16 -16.36 -20.63
CA THR B 35 0.77 -15.92 -20.61
C THR B 35 0.72 -14.41 -20.51
N ALA B 36 -0.37 -13.83 -21.00
CA ALA B 36 -0.52 -12.38 -20.94
C ALA B 36 -0.57 -11.89 -19.50
N PHE B 37 -1.26 -12.62 -18.62
CA PHE B 37 -1.37 -12.20 -17.22
C PHE B 37 -0.01 -12.18 -16.55
N LYS B 38 0.75 -13.28 -16.68
CA LYS B 38 2.03 -13.38 -15.98
C LYS B 38 3.10 -12.51 -16.63
N GLN B 39 3.00 -12.28 -17.94
CA GLN B 39 3.98 -11.47 -18.65
C GLN B 39 3.62 -9.99 -18.69
N GLN B 40 2.53 -9.58 -18.05
CA GLN B 40 2.17 -8.16 -17.93
C GLN B 40 1.93 -7.54 -19.30
N ARG B 41 1.22 -8.24 -20.17
CA ARG B 41 0.82 -7.71 -21.47
C ARG B 41 -0.62 -8.08 -21.77
N LEU B 42 -1.50 -7.92 -20.79
CA LEU B 42 -2.91 -8.15 -20.99
C LEU B 42 -3.48 -7.12 -21.97
N PRO B 43 -4.53 -7.47 -22.72
CA PRO B 43 -5.19 -6.45 -23.54
C PRO B 43 -5.87 -5.42 -22.66
N ALA B 44 -5.74 -4.15 -23.05
CA ALA B 44 -6.31 -3.07 -22.25
C ALA B 44 -6.55 -1.86 -23.13
N TRP B 45 -7.48 -1.02 -22.69
CA TRP B 45 -7.68 0.31 -23.24
C TRP B 45 -6.95 1.32 -22.35
N GLN B 46 -6.27 2.26 -22.99
CA GLN B 46 -5.51 3.28 -22.28
C GLN B 46 -6.27 4.59 -22.36
N PRO B 47 -7.27 4.83 -21.51
CA PRO B 47 -7.99 6.10 -21.57
C PRO B 47 -7.07 7.27 -21.25
N ILE B 48 -6.89 8.13 -22.24
CA ILE B 48 -6.07 9.34 -22.12
C ILE B 48 -7.00 10.55 -22.15
N LEU B 49 -6.83 11.45 -21.17
CA LEU B 49 -7.69 12.62 -21.04
C LEU B 49 -7.17 13.74 -21.94
N THR B 50 -7.42 13.58 -23.24
CA THR B 50 -7.16 14.65 -24.18
C THR B 50 -8.27 15.70 -24.11
N ALA B 51 -8.05 16.81 -24.83
CA ALA B 51 -9.07 17.84 -24.89
C ALA B 51 -10.35 17.31 -25.53
N GLY B 52 -10.21 16.47 -26.56
CA GLY B 52 -11.37 15.95 -27.27
C GLY B 52 -12.24 15.00 -26.46
N THR B 53 -11.78 14.57 -25.29
CA THR B 53 -12.56 13.66 -24.44
C THR B 53 -13.02 14.28 -23.14
N VAL B 54 -12.29 15.27 -22.62
CA VAL B 54 -12.71 15.95 -21.39
C VAL B 54 -13.60 17.15 -21.70
N LEU B 55 -13.27 17.90 -22.75
CA LEU B 55 -14.09 19.06 -23.09
C LEU B 55 -15.53 18.70 -23.37
N PRO B 56 -15.86 17.70 -24.20
CA PRO B 56 -17.29 17.43 -24.45
C PRO B 56 -18.04 16.91 -23.24
N ILE B 57 -17.43 16.02 -22.44
CA ILE B 57 -18.12 15.52 -21.25
C ILE B 57 -18.49 16.67 -20.34
N PHE B 58 -17.70 17.74 -20.33
CA PHE B 58 -18.04 18.92 -19.54
C PHE B 58 -19.28 19.60 -20.10
N PHE B 59 -19.30 19.85 -21.41
CA PHE B 59 -20.43 20.57 -22.00
C PHE B 59 -21.71 19.76 -21.94
N ILE B 60 -21.66 18.48 -22.35
CA ILE B 60 -22.87 17.68 -22.32
C ILE B 60 -23.40 17.60 -20.89
N ILE B 61 -22.52 17.65 -19.90
CA ILE B 61 -22.96 17.87 -18.52
C ILE B 61 -23.56 19.26 -18.39
N GLY B 62 -22.87 20.28 -18.91
CA GLY B 62 -23.36 21.64 -18.85
C GLY B 62 -24.57 21.90 -19.72
N LEU B 63 -24.81 21.06 -20.72
CA LEU B 63 -26.00 21.15 -21.56
C LEU B 63 -27.09 20.17 -21.14
N ILE B 64 -26.86 19.38 -20.09
CA ILE B 64 -27.92 18.58 -19.50
C ILE B 64 -28.18 18.94 -18.04
N PHE B 65 -27.21 19.55 -17.35
CA PHE B 65 -27.46 20.02 -16.00
C PHE B 65 -28.24 21.33 -15.98
N ILE B 66 -28.07 22.18 -16.98
CA ILE B 66 -28.85 23.41 -17.09
C ILE B 66 -30.31 23.05 -17.36
N PRO B 67 -30.63 22.35 -18.47
CA PRO B 67 -32.05 22.08 -18.73
C PRO B 67 -32.74 21.29 -17.63
N ILE B 68 -32.05 20.34 -16.99
CA ILE B 68 -32.65 19.66 -15.85
C ILE B 68 -32.76 20.61 -14.67
N GLY B 69 -31.73 21.43 -14.44
CA GLY B 69 -31.82 22.43 -13.40
C GLY B 69 -32.98 23.39 -13.63
N ILE B 70 -33.19 23.79 -14.88
CA ILE B 70 -34.37 24.60 -15.20
C ILE B 70 -35.63 23.81 -14.97
N GLY B 71 -35.63 22.52 -15.32
CA GLY B 71 -36.80 21.69 -15.09
C GLY B 71 -37.13 21.55 -13.62
N ILE B 72 -36.13 21.28 -12.79
CA ILE B 72 -36.35 21.17 -11.35
C ILE B 72 -36.82 22.50 -10.79
N PHE B 73 -36.14 23.59 -11.16
CA PHE B 73 -36.41 24.89 -10.55
C PHE B 73 -37.82 25.37 -10.88
N VAL B 74 -38.20 25.30 -12.17
CA VAL B 74 -39.51 25.83 -12.57
C VAL B 74 -40.62 25.00 -11.95
N THR B 75 -40.48 23.66 -11.96
CA THR B 75 -41.50 22.82 -11.36
C THR B 75 -41.61 23.08 -9.85
N SER B 76 -40.45 23.23 -9.18
CA SER B 76 -40.48 23.50 -7.75
C SER B 76 -41.18 24.82 -7.46
N ASN B 77 -40.83 25.87 -8.21
CA ASN B 77 -41.51 27.15 -8.05
C ASN B 77 -42.98 27.08 -8.49
N ASN B 78 -43.34 26.08 -9.28
CA ASN B 78 -44.74 25.87 -9.65
C ASN B 78 -45.53 25.15 -8.57
N ILE B 79 -44.87 24.66 -7.53
CA ILE B 79 -45.55 23.99 -6.42
C ILE B 79 -46.02 25.06 -5.44
N ARG B 80 -47.32 25.09 -5.18
CA ARG B 80 -47.90 26.06 -4.27
C ARG B 80 -47.86 25.53 -2.85
N GLU B 81 -47.32 26.33 -1.94
CA GLU B 81 -47.06 25.88 -0.58
C GLU B 81 -47.26 27.04 0.38
N ILE B 82 -47.69 26.72 1.60
CA ILE B 82 -47.88 27.70 2.67
C ILE B 82 -47.36 27.10 3.97
N GLU B 83 -46.61 27.91 4.71
CA GLU B 83 -45.95 27.50 5.95
C GLU B 83 -46.44 28.37 7.10
N ILE B 84 -46.78 27.74 8.22
CA ILE B 84 -47.37 28.42 9.36
C ILE B 84 -46.64 28.00 10.63
N ASP B 85 -46.15 28.98 11.38
CA ASP B 85 -45.48 28.77 12.66
C ASP B 85 -46.46 29.09 13.77
N TYR B 86 -46.75 28.08 14.61
CA TYR B 86 -47.78 28.20 15.63
C TYR B 86 -47.24 27.96 17.03
N THR B 87 -45.92 27.98 17.23
CA THR B 87 -45.37 27.75 18.55
C THR B 87 -45.83 28.82 19.54
N GLY B 88 -46.05 30.04 19.07
CA GLY B 88 -46.58 31.09 19.91
C GLY B 88 -45.60 31.66 20.91
N THR B 89 -44.30 31.47 20.70
CA THR B 89 -43.32 31.96 21.66
C THR B 89 -43.20 33.49 21.59
N GLU B 90 -43.26 34.06 20.39
CA GLU B 90 -43.13 35.49 20.25
C GLU B 90 -44.38 36.20 20.80
N PRO B 91 -44.24 37.43 21.31
CA PRO B 91 -45.43 38.16 21.75
C PRO B 91 -46.30 38.56 20.57
N SER B 92 -47.54 38.93 20.90
CA SER B 92 -48.60 39.37 20.00
C SER B 92 -49.23 38.20 19.23
N SER B 93 -48.71 36.98 19.34
CA SER B 93 -49.42 35.83 18.80
C SER B 93 -50.59 35.48 19.72
N PRO B 94 -51.78 35.20 19.16
CA PRO B 94 -52.93 34.99 20.04
C PRO B 94 -53.03 33.57 20.57
N CYS B 95 -51.88 32.97 20.90
CA CYS B 95 -51.86 31.80 21.78
C CYS B 95 -50.63 31.76 22.66
N ASN B 96 -50.10 32.94 23.03
CA ASN B 96 -48.98 32.97 23.97
C ASN B 96 -49.34 32.34 25.30
N LYS B 97 -50.64 32.25 25.61
CA LYS B 97 -51.09 31.57 26.81
C LYS B 97 -50.58 30.13 26.87
N CYS B 98 -50.40 29.49 25.71
CA CYS B 98 -50.02 28.08 25.68
C CYS B 98 -48.56 27.84 26.06
N LEU B 99 -47.76 28.90 26.24
CA LEU B 99 -46.39 28.70 26.71
C LEU B 99 -46.37 28.21 28.16
N SER B 100 -47.40 28.54 28.94
CA SER B 100 -47.56 28.07 30.31
C SER B 100 -48.97 27.54 30.48
N PRO B 101 -49.24 26.30 30.03
CA PRO B 101 -50.60 25.77 30.13
C PRO B 101 -51.02 25.49 31.57
N ASP B 102 -51.48 26.52 32.28
CA ASP B 102 -52.00 26.32 33.62
C ASP B 102 -53.05 25.22 33.64
N VAL B 103 -53.89 25.17 32.61
CA VAL B 103 -54.77 24.04 32.33
C VAL B 103 -54.18 23.28 31.17
N THR B 104 -54.10 21.96 31.29
CA THR B 104 -53.26 21.17 30.37
C THR B 104 -53.65 21.35 28.91
N PRO B 105 -54.93 21.25 28.50
CA PRO B 105 -55.26 21.39 27.08
C PRO B 105 -55.37 22.84 26.67
N CYS B 106 -54.40 23.32 25.90
CA CYS B 106 -54.37 24.69 25.41
C CYS B 106 -54.52 24.69 23.91
N PHE B 107 -55.43 25.51 23.39
CA PHE B 107 -55.77 25.52 21.97
C PHE B 107 -55.34 26.85 21.37
N CYS B 108 -54.62 26.77 20.26
CA CYS B 108 -54.11 27.94 19.53
C CYS B 108 -54.82 28.01 18.19
N THR B 109 -55.28 29.21 17.82
CA THR B 109 -56.03 29.42 16.58
C THR B 109 -55.30 30.44 15.72
N ILE B 110 -55.08 30.08 14.45
CA ILE B 110 -54.36 30.92 13.51
C ILE B 110 -55.19 31.00 12.22
N ASN B 111 -55.36 32.21 11.69
CA ASN B 111 -56.05 32.43 10.43
C ASN B 111 -55.04 32.69 9.32
N PHE B 112 -55.21 32.03 8.18
CA PHE B 112 -54.34 32.22 7.04
C PHE B 112 -55.18 32.16 5.76
N THR B 113 -54.70 32.83 4.72
CA THR B 113 -55.42 32.93 3.46
C THR B 113 -54.59 32.35 2.34
N LEU B 114 -55.24 31.61 1.44
CA LEU B 114 -54.59 31.00 0.29
C LEU B 114 -54.85 31.85 -0.94
N GLU B 115 -53.77 32.37 -1.54
CA GLU B 115 -53.91 33.25 -2.70
C GLU B 115 -54.21 32.46 -3.96
N LYS B 116 -53.62 31.27 -4.11
CA LYS B 116 -53.78 30.45 -5.30
C LYS B 116 -54.20 29.05 -4.89
N SER B 117 -55.16 28.48 -5.62
CA SER B 117 -55.70 27.18 -5.26
C SER B 117 -54.68 26.08 -5.47
N PHE B 118 -54.80 25.02 -4.67
CA PHE B 118 -53.97 23.83 -4.81
C PHE B 118 -54.66 22.85 -5.76
N GLU B 119 -53.90 22.32 -6.71
CA GLU B 119 -54.39 21.33 -7.66
C GLU B 119 -53.77 19.97 -7.35
N GLY B 120 -54.61 18.93 -7.35
CA GLY B 120 -54.17 17.60 -6.98
C GLY B 120 -54.19 17.42 -5.47
N ASN B 121 -53.75 16.25 -5.04
CA ASN B 121 -53.71 15.95 -3.62
C ASN B 121 -52.71 16.86 -2.91
N VAL B 122 -53.01 17.16 -1.65
CA VAL B 122 -52.23 18.10 -0.84
C VAL B 122 -51.73 17.36 0.40
N PHE B 123 -50.46 17.57 0.73
CA PHE B 123 -49.83 16.86 1.84
C PHE B 123 -49.82 17.72 3.09
N MET B 124 -50.19 17.10 4.21
CA MET B 124 -50.31 17.75 5.50
C MET B 124 -49.08 17.40 6.33
N TYR B 125 -48.38 18.43 6.80
CA TYR B 125 -47.06 18.26 7.42
C TYR B 125 -47.09 18.73 8.87
N TYR B 126 -45.96 18.50 9.55
CA TYR B 126 -45.58 19.26 10.73
C TYR B 126 -44.06 19.32 10.76
N GLY B 127 -43.53 20.33 11.45
CA GLY B 127 -42.11 20.52 11.54
C GLY B 127 -41.67 20.79 12.97
N LEU B 128 -40.38 20.58 13.21
CA LEU B 128 -39.79 20.87 14.52
C LEU B 128 -38.38 21.37 14.26
N SER B 129 -38.17 22.66 14.50
CA SER B 129 -36.86 23.27 14.32
C SER B 129 -36.09 23.25 15.63
N ASN B 130 -34.76 23.17 15.52
CA ASN B 130 -33.89 23.10 16.70
C ASN B 130 -34.33 21.98 17.63
N PHE B 131 -34.71 20.84 17.04
CA PHE B 131 -35.07 19.64 17.78
C PHE B 131 -34.19 18.51 17.25
N TYR B 132 -33.14 18.19 18.00
CA TYR B 132 -32.13 17.22 17.56
C TYR B 132 -32.65 15.82 17.85
N GLN B 133 -33.41 15.28 16.91
CA GLN B 133 -33.88 13.90 16.99
C GLN B 133 -32.79 12.90 16.67
N ASN B 134 -31.63 13.36 16.20
CA ASN B 134 -30.56 12.48 15.72
C ASN B 134 -29.39 12.37 16.70
N HIS B 135 -29.60 12.69 17.97
CA HIS B 135 -28.53 12.62 18.94
C HIS B 135 -28.10 11.16 19.15
N ARG B 136 -26.79 10.93 19.29
CA ARG B 136 -26.28 9.57 19.47
C ARG B 136 -26.98 8.85 20.60
N ARG B 137 -27.03 9.45 21.78
CA ARG B 137 -27.76 8.88 22.89
C ARG B 137 -29.24 8.72 22.57
N TYR B 138 -29.81 9.66 21.81
CA TYR B 138 -31.23 9.63 21.51
C TYR B 138 -31.57 8.52 20.52
N VAL B 139 -30.79 8.42 19.44
CA VAL B 139 -31.13 7.48 18.38
C VAL B 139 -31.06 6.05 18.88
N LYS B 140 -30.01 5.71 19.63
CA LYS B 140 -29.88 4.35 20.14
C LYS B 140 -31.01 3.97 21.06
N SER B 141 -31.68 4.95 21.67
CA SER B 141 -32.66 4.66 22.70
C SER B 141 -33.88 4.03 22.06
N ARG B 142 -33.77 2.76 21.67
CA ARG B 142 -34.86 2.05 21.04
C ARG B 142 -34.57 0.55 21.00
N ASP B 143 -35.50 -0.26 21.48
CA ASP B 143 -35.39 -1.71 21.38
C ASP B 143 -36.06 -2.11 20.07
N ASP B 144 -35.33 -1.88 18.98
CA ASP B 144 -35.88 -2.16 17.64
C ASP B 144 -36.40 -3.58 17.55
N SER B 145 -35.69 -4.53 18.15
CA SER B 145 -36.22 -5.90 18.22
C SER B 145 -37.59 -5.91 18.88
N GLN B 146 -37.81 -5.03 19.87
CA GLN B 146 -39.10 -4.93 20.52
C GLN B 146 -40.10 -4.16 19.67
N LEU B 147 -39.63 -3.18 18.88
CA LEU B 147 -40.47 -2.58 17.86
C LEU B 147 -40.87 -3.59 16.79
N ASN B 148 -40.11 -4.68 16.66
CA ASN B 148 -40.43 -5.75 15.72
C ASN B 148 -41.37 -6.78 16.32
N GLY B 149 -41.90 -6.54 17.51
CA GLY B 149 -42.80 -7.50 18.14
C GLY B 149 -42.13 -8.78 18.56
N ASP B 150 -40.91 -8.70 19.09
CA ASP B 150 -40.22 -9.88 19.62
C ASP B 150 -40.70 -10.13 21.04
N SER B 151 -41.32 -11.30 21.24
CA SER B 151 -41.96 -11.59 22.52
C SER B 151 -41.01 -11.42 23.69
N SER B 152 -39.75 -11.83 23.52
CA SER B 152 -38.78 -11.66 24.58
C SER B 152 -38.43 -10.19 24.82
N ALA B 153 -38.46 -9.38 23.76
CA ALA B 153 -37.99 -8.01 23.86
C ALA B 153 -38.97 -7.09 24.58
N LEU B 154 -40.27 -7.40 24.56
CA LEU B 154 -41.23 -6.61 25.30
C LEU B 154 -40.88 -6.55 26.79
N LEU B 155 -40.82 -7.72 27.42
CA LEU B 155 -40.59 -7.80 28.86
C LEU B 155 -39.11 -7.68 29.21
N ASN B 156 -38.23 -7.65 28.22
CA ASN B 156 -36.79 -7.45 28.41
C ASN B 156 -36.30 -6.37 27.45
N PRO B 157 -36.65 -5.11 27.70
CA PRO B 157 -36.12 -4.03 26.86
C PRO B 157 -34.60 -4.01 26.91
N SER B 158 -34.01 -3.64 25.79
CA SER B 158 -32.55 -3.62 25.71
C SER B 158 -31.99 -2.50 26.59
N LYS B 159 -30.71 -2.62 26.91
CA LYS B 159 -30.00 -1.55 27.60
C LYS B 159 -29.93 -0.29 26.75
N GLU B 160 -30.21 -0.40 25.45
CA GLU B 160 -30.18 0.77 24.58
C GLU B 160 -31.16 1.83 25.06
N CYS B 161 -32.37 1.42 25.38
CA CYS B 161 -33.36 2.31 26.00
C CYS B 161 -33.32 2.22 27.52
N GLU B 162 -32.12 2.40 28.08
CA GLU B 162 -31.92 2.22 29.51
C GLU B 162 -32.78 3.12 30.38
N PRO B 163 -32.81 4.45 30.17
CA PRO B 163 -33.52 5.32 31.12
C PRO B 163 -35.02 5.13 31.09
N TYR B 164 -35.58 4.58 30.02
CA TYR B 164 -37.01 4.39 29.85
C TYR B 164 -37.34 2.91 29.72
N ARG B 165 -36.56 2.06 30.41
CA ARG B 165 -36.85 0.63 30.43
C ARG B 165 -38.16 0.36 31.14
N ARG B 166 -38.33 0.91 32.34
CA ARG B 166 -39.48 0.63 33.19
C ARG B 166 -39.95 1.92 33.84
N ASN B 167 -41.26 1.99 34.12
CA ASN B 167 -41.80 3.16 34.81
C ASN B 167 -41.62 3.03 36.32
N GLU B 168 -42.22 2.00 36.93
CA GLU B 168 -42.05 1.74 38.35
C GLU B 168 -41.61 0.32 38.65
N ASP B 169 -42.30 -0.68 38.09
CA ASP B 169 -41.96 -2.08 38.34
C ASP B 169 -41.83 -2.89 37.05
N LYS B 170 -42.66 -2.62 36.04
CA LYS B 170 -42.66 -3.39 34.81
C LYS B 170 -42.16 -2.54 33.64
N PRO B 171 -41.60 -3.16 32.60
CA PRO B 171 -40.90 -2.40 31.58
C PRO B 171 -41.83 -1.69 30.62
N ILE B 172 -41.43 -0.48 30.21
CA ILE B 172 -42.19 0.26 29.21
C ILE B 172 -42.05 -0.42 27.86
N ALA B 173 -43.19 -0.75 27.24
CA ALA B 173 -43.14 -1.41 25.93
C ALA B 173 -42.55 -0.47 24.88
N PRO B 174 -43.12 0.72 24.60
CA PRO B 174 -42.49 1.60 23.62
C PRO B 174 -41.21 2.25 24.15
N CYS B 175 -40.27 1.44 24.65
CA CYS B 175 -39.12 2.00 25.34
C CYS B 175 -38.35 2.94 24.43
N GLY B 176 -37.51 3.75 25.03
CA GLY B 176 -36.68 4.68 24.30
C GLY B 176 -37.10 6.11 24.52
N ALA B 177 -36.12 7.01 24.48
CA ALA B 177 -36.42 8.43 24.57
C ALA B 177 -37.28 8.89 23.41
N ILE B 178 -36.99 8.39 22.21
CA ILE B 178 -37.68 8.87 21.02
C ILE B 178 -39.15 8.48 21.07
N ALA B 179 -39.43 7.19 21.28
CA ALA B 179 -40.82 6.76 21.36
C ALA B 179 -41.53 7.47 22.50
N ASN B 180 -40.83 7.65 23.62
CA ASN B 180 -41.38 8.42 24.73
C ASN B 180 -41.74 9.83 24.29
N SER B 181 -40.78 10.54 23.69
CA SER B 181 -40.97 11.95 23.33
C SER B 181 -41.60 12.05 21.94
N MET B 182 -42.87 11.65 21.87
CA MET B 182 -43.63 11.67 20.63
C MET B 182 -44.37 12.99 20.48
N PHE B 183 -44.13 13.67 19.35
CA PHE B 183 -44.91 14.84 18.98
C PHE B 183 -46.40 14.52 19.06
N ASN B 184 -47.12 15.24 19.91
CA ASN B 184 -48.50 14.89 20.25
C ASN B 184 -49.42 16.09 20.18
N ASP B 185 -49.28 16.90 19.13
CA ASP B 185 -50.23 17.98 18.86
C ASP B 185 -51.38 17.43 18.03
N THR B 186 -52.27 18.31 17.58
CA THR B 186 -53.33 17.94 16.65
C THR B 186 -53.65 19.16 15.81
N LEU B 187 -53.05 19.23 14.63
CA LEU B 187 -53.27 20.34 13.70
C LEU B 187 -54.51 20.05 12.85
N GLU B 188 -55.47 20.95 12.89
CA GLU B 188 -56.73 20.81 12.16
C GLU B 188 -56.90 21.99 11.22
N LEU B 189 -57.46 21.72 10.04
CA LEU B 189 -57.69 22.72 9.02
C LEU B 189 -59.18 22.94 8.83
N PHE B 190 -59.61 24.19 8.91
CA PHE B 190 -60.99 24.57 8.72
C PHE B 190 -61.07 25.67 7.67
N LEU B 191 -61.97 25.49 6.71
CA LEU B 191 -62.19 26.48 5.66
C LEU B 191 -63.31 27.42 6.06
N ILE B 192 -63.00 28.71 6.15
CA ILE B 192 -63.98 29.72 6.51
C ILE B 192 -64.60 30.24 5.21
N GLY B 193 -65.83 29.83 4.93
CA GLY B 193 -66.52 30.24 3.73
C GLY B 193 -67.07 31.64 3.83
N ASN B 194 -67.81 32.03 2.79
CA ASN B 194 -68.43 33.35 2.76
C ASN B 194 -69.41 33.53 3.91
N ASP B 195 -70.09 32.45 4.31
CA ASP B 195 -71.03 32.52 5.42
C ASP B 195 -70.32 32.63 6.77
N SER B 196 -69.01 32.48 6.81
CA SER B 196 -68.16 32.53 8.01
C SER B 196 -68.29 31.29 8.87
N TYR B 197 -69.13 30.32 8.48
CA TYR B 197 -69.24 29.09 9.24
C TYR B 197 -68.10 28.16 8.88
N PRO B 198 -67.26 27.73 9.84
CA PRO B 198 -66.14 26.85 9.49
C PRO B 198 -66.63 25.55 8.86
N ILE B 199 -66.00 25.18 7.75
CA ILE B 199 -66.24 23.92 7.07
C ILE B 199 -65.01 23.05 7.28
N PRO B 200 -65.11 21.92 7.98
CA PRO B 200 -63.92 21.10 8.23
C PRO B 200 -63.34 20.55 6.94
N ILE B 201 -62.02 20.38 6.92
CA ILE B 201 -61.30 19.86 5.77
C ILE B 201 -60.91 18.42 6.04
N ALA B 202 -61.20 17.54 5.08
CA ALA B 202 -60.90 16.13 5.26
C ALA B 202 -59.40 15.90 5.32
N LEU B 203 -58.97 15.13 6.33
CA LEU B 203 -57.58 14.73 6.49
C LEU B 203 -57.54 13.24 6.77
N LYS B 204 -56.74 12.51 6.01
CA LYS B 204 -56.68 11.06 6.08
C LYS B 204 -55.37 10.63 6.74
N LYS B 205 -55.47 9.73 7.70
CA LYS B 205 -54.36 9.36 8.56
C LYS B 205 -53.57 8.16 8.04
N LYS B 206 -53.91 7.63 6.87
CA LYS B 206 -53.25 6.46 6.31
C LYS B 206 -52.28 6.88 5.20
N GLY B 207 -51.31 6.00 4.95
CA GLY B 207 -50.38 6.20 3.86
C GLY B 207 -49.49 7.42 4.00
N ILE B 208 -49.04 7.71 5.23
CA ILE B 208 -48.09 8.80 5.46
C ILE B 208 -46.69 8.20 5.57
N ALA B 209 -46.60 6.95 6.02
CA ALA B 209 -45.34 6.25 6.15
C ALA B 209 -45.10 5.34 4.95
N TRP B 210 -43.89 4.79 4.88
CA TRP B 210 -43.54 3.90 3.79
C TRP B 210 -44.33 2.60 3.89
N TRP B 211 -44.44 1.91 2.76
CA TRP B 211 -45.04 0.58 2.76
C TRP B 211 -44.19 -0.41 3.56
N THR B 212 -42.87 -0.31 3.42
CA THR B 212 -41.99 -1.23 4.13
C THR B 212 -42.09 -1.07 5.64
N ASP B 213 -42.12 0.17 6.12
CA ASP B 213 -42.13 0.42 7.55
C ASP B 213 -43.42 -0.11 8.19
N LYS B 214 -44.54 0.03 7.49
CA LYS B 214 -45.81 -0.46 8.05
C LYS B 214 -45.76 -1.96 8.31
N ASN B 215 -45.21 -2.73 7.37
CA ASN B 215 -45.32 -4.19 7.42
C ASN B 215 -44.03 -4.91 7.72
N VAL B 216 -42.88 -4.26 7.60
CA VAL B 216 -41.57 -4.94 7.67
C VAL B 216 -40.81 -4.55 8.93
N LYS B 217 -40.44 -3.27 9.08
CA LYS B 217 -39.61 -2.87 10.21
C LYS B 217 -40.40 -2.86 11.50
N PHE B 218 -41.61 -2.31 11.49
CA PHE B 218 -42.39 -2.07 12.69
C PHE B 218 -43.54 -3.06 12.72
N ARG B 219 -43.59 -3.89 13.77
CA ARG B 219 -44.63 -4.88 13.93
C ARG B 219 -45.11 -4.90 15.38
N ASN B 220 -46.35 -5.31 15.55
CA ASN B 220 -46.93 -5.48 16.87
C ASN B 220 -46.53 -6.85 17.42
N PRO B 221 -46.81 -7.11 18.70
CA PRO B 221 -46.47 -8.42 19.28
C PRO B 221 -47.18 -9.54 18.55
N PRO B 222 -46.80 -10.79 18.79
CA PRO B 222 -47.43 -11.92 18.10
C PRO B 222 -48.66 -12.44 18.83
N GLY B 223 -49.44 -13.23 18.10
CA GLY B 223 -50.59 -13.89 18.67
C GLY B 223 -51.76 -12.94 18.89
N GLY B 224 -52.71 -13.41 19.70
CA GLY B 224 -53.79 -12.59 20.20
C GLY B 224 -54.68 -11.99 19.12
N ASP B 225 -55.73 -11.29 19.55
CA ASP B 225 -56.61 -10.55 18.66
C ASP B 225 -56.75 -9.09 19.06
N ASN B 226 -56.83 -8.79 20.36
CA ASN B 226 -56.94 -7.43 20.86
C ASN B 226 -55.57 -6.94 21.32
N LEU B 227 -55.26 -5.68 21.01
CA LEU B 227 -53.99 -5.10 21.43
C LEU B 227 -53.89 -4.97 22.94
N GLU B 228 -55.02 -4.96 23.65
CA GLU B 228 -54.99 -4.89 25.11
C GLU B 228 -54.26 -6.10 25.68
N GLU B 229 -54.84 -7.28 25.51
CA GLU B 229 -54.25 -8.50 26.06
C GLU B 229 -52.85 -8.76 25.52
N ARG B 230 -52.50 -8.17 24.38
CA ARG B 230 -51.18 -8.38 23.80
C ARG B 230 -50.12 -7.56 24.52
N PHE B 231 -50.47 -6.37 25.00
CA PHE B 231 -49.56 -5.54 25.78
C PHE B 231 -49.86 -5.67 27.28
N LYS B 232 -49.60 -6.86 27.81
CA LYS B 232 -49.65 -7.11 29.24
C LYS B 232 -48.28 -6.99 29.88
N GLY B 233 -48.27 -6.57 31.14
CA GLY B 233 -47.02 -6.42 31.88
C GLY B 233 -46.11 -5.36 31.31
N THR B 234 -46.68 -4.25 30.84
CA THR B 234 -45.89 -3.17 30.25
C THR B 234 -46.64 -1.86 30.42
N THR B 235 -45.96 -0.85 30.96
CA THR B 235 -46.53 0.47 31.13
C THR B 235 -46.23 1.35 29.91
N LYS B 236 -46.95 2.45 29.81
CA LYS B 236 -46.71 3.44 28.77
C LYS B 236 -45.46 4.24 29.10
N PRO B 237 -44.84 4.88 28.10
CA PRO B 237 -43.78 5.82 28.41
C PRO B 237 -44.30 6.95 29.28
N VAL B 238 -43.40 7.51 30.10
CA VAL B 238 -43.80 8.52 31.07
C VAL B 238 -44.45 9.71 30.37
N ASN B 239 -43.91 10.12 29.22
CA ASN B 239 -44.39 11.33 28.57
C ASN B 239 -45.77 11.13 27.96
N TRP B 240 -46.04 9.96 27.39
CA TRP B 240 -47.34 9.74 26.76
C TRP B 240 -48.46 9.88 27.80
N LEU B 241 -49.56 10.50 27.37
CA LEU B 241 -50.70 10.62 28.28
C LEU B 241 -51.48 9.31 28.38
N LYS B 242 -51.57 8.56 27.29
CA LYS B 242 -52.35 7.34 27.22
C LYS B 242 -51.50 6.18 26.74
N PRO B 243 -51.90 4.95 27.04
CA PRO B 243 -51.11 3.79 26.58
C PRO B 243 -51.15 3.66 25.07
N VAL B 244 -50.30 2.75 24.57
CA VAL B 244 -50.14 2.54 23.14
C VAL B 244 -51.22 1.60 22.61
N TYR B 245 -52.16 1.22 23.47
CA TYR B 245 -53.18 0.26 23.07
C TYR B 245 -54.09 0.84 21.98
N MET B 246 -54.59 2.06 22.19
CA MET B 246 -55.59 2.65 21.32
C MET B 246 -55.12 3.96 20.71
N LEU B 247 -53.86 3.99 20.26
CA LEU B 247 -53.34 5.19 19.60
C LEU B 247 -54.21 5.61 18.43
N ASP B 248 -54.85 4.65 17.76
CA ASP B 248 -55.82 4.93 16.72
C ASP B 248 -57.02 4.03 16.90
N SER B 249 -58.20 4.57 16.56
CA SER B 249 -59.42 3.78 16.68
C SER B 249 -59.38 2.57 15.75
N ASP B 250 -58.89 2.75 14.54
CA ASP B 250 -58.79 1.64 13.61
C ASP B 250 -57.79 0.60 14.14
N PRO B 251 -58.17 -0.67 14.24
CA PRO B 251 -57.19 -1.67 14.70
C PRO B 251 -56.01 -1.84 13.76
N ASP B 252 -56.13 -1.41 12.50
CA ASP B 252 -55.03 -1.51 11.56
C ASP B 252 -53.99 -0.40 11.74
N ASN B 253 -54.27 0.60 12.56
CA ASN B 253 -53.35 1.72 12.76
C ASN B 253 -53.03 1.96 14.23
N ASN B 254 -53.37 1.02 15.12
CA ASN B 254 -53.00 1.13 16.53
C ASN B 254 -51.78 0.26 16.80
N GLY B 255 -51.25 0.38 18.00
CA GLY B 255 -50.03 -0.34 18.32
C GLY B 255 -48.83 0.27 17.61
N PHE B 256 -47.78 -0.53 17.51
CA PHE B 256 -46.51 -0.06 16.98
C PHE B 256 -46.57 0.24 15.49
N ILE B 257 -47.63 -0.17 14.80
CA ILE B 257 -47.78 0.13 13.38
C ILE B 257 -48.53 1.44 13.21
N ASN B 258 -48.65 2.21 14.29
CA ASN B 258 -49.30 3.51 14.20
C ASN B 258 -48.56 4.39 13.20
N GLU B 259 -49.32 5.00 12.30
CA GLU B 259 -48.73 5.75 11.20
C GLU B 259 -47.88 6.91 11.71
N ASP B 260 -48.43 7.70 12.64
CA ASP B 260 -47.70 8.83 13.18
C ASP B 260 -46.46 8.37 13.93
N PHE B 261 -46.57 7.28 14.68
CA PHE B 261 -45.41 6.72 15.37
C PHE B 261 -44.29 6.41 14.40
N ILE B 262 -44.61 5.65 13.34
CA ILE B 262 -43.59 5.20 12.41
C ILE B 262 -42.92 6.40 11.75
N VAL B 263 -43.71 7.42 11.39
CA VAL B 263 -43.13 8.63 10.85
C VAL B 263 -42.28 9.34 11.89
N TRP B 264 -42.78 9.38 13.14
CA TRP B 264 -42.02 10.02 14.21
C TRP B 264 -40.75 9.25 14.52
N MET B 265 -40.90 7.99 14.95
CA MET B 265 -39.76 7.21 15.42
C MET B 265 -38.69 7.08 14.35
N ARG B 266 -39.07 7.13 13.08
CA ARG B 266 -38.12 7.00 11.99
C ARG B 266 -37.32 8.30 11.94
N THR B 267 -36.26 8.35 12.74
CA THR B 267 -35.64 9.62 13.09
C THR B 267 -35.20 10.39 11.86
N ALA B 268 -35.38 11.70 11.91
CA ALA B 268 -34.93 12.57 10.83
C ALA B 268 -33.41 12.71 10.88
N ALA B 269 -32.87 13.28 9.82
CA ALA B 269 -31.43 13.41 9.67
C ALA B 269 -30.90 14.76 10.17
N LEU B 270 -31.76 15.69 10.53
CA LEU B 270 -31.35 17.04 10.86
C LEU B 270 -32.14 17.54 12.06
N PRO B 271 -31.68 18.62 12.71
CA PRO B 271 -32.47 19.21 13.79
C PRO B 271 -33.76 19.83 13.29
N THR B 272 -33.65 20.66 12.26
CA THR B 272 -34.81 21.27 11.61
C THR B 272 -35.28 20.32 10.53
N PHE B 273 -36.34 19.57 10.83
CA PHE B 273 -36.87 18.56 9.93
C PHE B 273 -38.36 18.75 9.75
N ARG B 274 -38.92 18.01 8.81
CA ARG B 274 -40.33 18.05 8.51
C ARG B 274 -40.84 16.62 8.38
N LYS B 275 -42.10 16.42 8.75
CA LYS B 275 -42.68 15.08 8.77
C LYS B 275 -44.09 15.14 8.20
N LEU B 276 -44.40 14.16 7.35
CA LEU B 276 -45.71 14.09 6.75
C LEU B 276 -46.73 13.75 7.82
N TYR B 277 -47.69 14.65 8.05
CA TYR B 277 -48.66 14.48 9.11
C TYR B 277 -49.90 13.74 8.62
N ARG B 278 -50.48 14.19 7.50
CA ARG B 278 -51.72 13.62 7.00
C ARG B 278 -51.78 13.82 5.49
N LEU B 279 -52.80 13.24 4.86
CA LEU B 279 -53.04 13.38 3.43
C LEU B 279 -54.32 14.17 3.16
N ILE B 280 -54.36 14.78 1.98
CA ILE B 280 -55.57 15.40 1.44
C ILE B 280 -55.65 14.94 -0.01
N GLU B 281 -56.44 13.90 -0.26
CA GLU B 281 -56.57 13.40 -1.62
C GLU B 281 -57.51 14.28 -2.43
N ARG B 282 -57.43 14.12 -3.75
CA ARG B 282 -58.20 14.96 -4.66
C ARG B 282 -59.69 14.74 -4.46
N LYS B 283 -60.44 15.84 -4.37
CA LYS B 283 -61.88 15.76 -4.25
C LYS B 283 -62.50 15.21 -5.53
N SER B 284 -63.68 14.61 -5.40
CA SER B 284 -64.37 14.06 -6.56
C SER B 284 -64.70 15.15 -7.57
N ASP B 285 -65.15 16.31 -7.09
CA ASP B 285 -65.52 17.39 -7.97
C ASP B 285 -64.31 17.97 -8.67
N LEU B 286 -64.56 18.69 -9.78
CA LEU B 286 -63.49 19.31 -10.55
C LEU B 286 -62.86 20.50 -9.83
N HIS B 287 -63.48 20.99 -8.75
CA HIS B 287 -62.94 22.16 -8.07
C HIS B 287 -61.57 21.84 -7.45
N PRO B 288 -60.75 22.85 -7.21
CA PRO B 288 -59.45 22.60 -6.59
C PRO B 288 -59.62 22.04 -5.18
N THR B 289 -58.63 21.23 -4.77
CA THR B 289 -58.69 20.62 -3.44
C THR B 289 -58.75 21.67 -2.34
N LEU B 290 -57.95 22.72 -2.47
CA LEU B 290 -57.92 23.82 -1.50
C LEU B 290 -58.11 25.12 -2.27
N PRO B 291 -59.36 25.52 -2.53
CA PRO B 291 -59.58 26.76 -3.29
C PRO B 291 -59.04 27.96 -2.54
N ALA B 292 -58.58 28.95 -3.31
CA ALA B 292 -58.07 30.17 -2.71
C ALA B 292 -59.13 30.83 -1.85
N GLY B 293 -58.71 31.33 -0.69
CA GLY B 293 -59.66 31.92 0.25
C GLY B 293 -59.00 32.15 1.59
N ARG B 294 -59.83 32.11 2.63
CA ARG B 294 -59.37 32.29 4.01
C ARG B 294 -59.60 31.00 4.79
N TYR B 295 -58.57 30.56 5.50
CA TYR B 295 -58.59 29.32 6.25
C TYR B 295 -58.13 29.58 7.67
N SER B 296 -58.56 28.72 8.59
CA SER B 296 -58.22 28.82 10.00
C SER B 296 -57.57 27.53 10.47
N LEU B 297 -56.53 27.66 11.29
CA LEU B 297 -55.76 26.53 11.83
C LEU B 297 -56.00 26.45 13.33
N ASN B 298 -56.68 25.39 13.77
CA ASN B 298 -56.99 25.16 15.17
C ASN B 298 -56.14 23.99 15.66
N VAL B 299 -55.10 24.30 16.43
CA VAL B 299 -54.11 23.32 16.85
C VAL B 299 -54.22 23.11 18.35
N THR B 300 -54.14 21.86 18.78
CA THR B 300 -54.13 21.50 20.20
C THR B 300 -52.68 21.49 20.67
N TYR B 301 -52.24 22.59 21.25
CA TYR B 301 -50.85 22.72 21.66
C TYR B 301 -50.55 21.71 22.76
N ASN B 302 -49.62 20.79 22.49
CA ASN B 302 -49.23 19.79 23.47
C ASN B 302 -47.73 19.55 23.55
N TYR B 303 -46.93 20.25 22.78
CA TYR B 303 -45.51 19.93 22.62
C TYR B 303 -44.66 21.13 22.99
N PRO B 304 -43.93 21.12 24.12
CA PRO B 304 -43.13 22.29 24.50
C PRO B 304 -41.77 22.27 23.81
N VAL B 305 -41.52 23.30 23.00
CA VAL B 305 -40.24 23.47 22.31
C VAL B 305 -39.58 24.80 22.63
N HIS B 306 -40.21 25.64 23.44
CA HIS B 306 -39.64 26.94 23.77
C HIS B 306 -38.53 26.83 24.81
N TYR B 307 -38.45 25.71 25.54
CA TYR B 307 -37.39 25.55 26.52
C TYR B 307 -36.01 25.57 25.87
N PHE B 308 -35.87 24.91 24.73
CA PHE B 308 -34.59 24.76 24.05
C PHE B 308 -34.57 25.51 22.72
N ASP B 309 -35.27 26.63 22.63
CA ASP B 309 -35.28 27.48 21.45
C ASP B 309 -35.78 26.71 20.23
N GLY B 310 -36.84 25.94 20.42
CA GLY B 310 -37.44 25.17 19.35
C GLY B 310 -38.70 25.81 18.81
N ARG B 311 -39.13 25.34 17.64
CA ARG B 311 -40.31 25.85 16.97
C ARG B 311 -41.18 24.68 16.52
N LYS B 312 -42.40 25.01 16.10
CA LYS B 312 -43.32 24.05 15.53
C LYS B 312 -44.06 24.71 14.38
N ARG B 313 -44.29 23.95 13.31
CA ARG B 313 -44.81 24.52 12.08
C ARG B 313 -45.83 23.56 11.47
N MET B 314 -46.61 24.10 10.54
CA MET B 314 -47.51 23.30 9.72
C MET B 314 -47.37 23.75 8.27
N ILE B 315 -47.22 22.80 7.36
CA ILE B 315 -46.96 23.09 5.97
C ILE B 315 -47.97 22.34 5.10
N LEU B 316 -48.60 23.06 4.18
CA LEU B 316 -49.52 22.49 3.19
C LEU B 316 -48.86 22.59 1.83
N SER B 317 -48.73 21.45 1.15
CA SER B 317 -48.03 21.39 -0.13
C SER B 317 -48.80 20.52 -1.11
N THR B 318 -48.80 20.93 -2.37
CA THR B 318 -49.41 20.18 -3.45
C THR B 318 -48.37 19.33 -4.16
N ILE B 319 -48.80 18.19 -4.68
CA ILE B 319 -47.88 17.27 -5.34
C ILE B 319 -47.45 17.85 -6.68
N SER B 320 -46.21 17.56 -7.05
CA SER B 320 -45.73 17.72 -8.41
C SER B 320 -45.33 16.35 -8.94
N TRP B 321 -45.69 16.07 -10.19
CA TRP B 321 -45.40 14.76 -10.76
C TRP B 321 -43.93 14.42 -10.66
N MET B 322 -43.05 15.43 -10.69
CA MET B 322 -41.62 15.23 -10.50
C MET B 322 -41.24 15.69 -9.08
N GLY B 323 -41.57 14.82 -8.11
CA GLY B 323 -41.22 15.04 -6.72
C GLY B 323 -41.90 16.26 -6.12
N GLY B 324 -41.20 16.89 -5.18
CA GLY B 324 -41.73 18.04 -4.46
C GLY B 324 -40.89 19.29 -4.63
N LYS B 325 -41.18 20.32 -3.83
CA LYS B 325 -40.53 21.62 -3.95
C LYS B 325 -39.12 21.52 -3.37
N ASN B 326 -38.13 21.39 -4.26
CA ASN B 326 -36.73 21.25 -3.87
C ASN B 326 -35.91 22.30 -4.62
N PRO B 327 -36.01 23.57 -4.22
CA PRO B 327 -35.23 24.61 -4.91
C PRO B 327 -33.74 24.44 -4.77
N PHE B 328 -33.27 23.72 -3.75
CA PHE B 328 -31.83 23.49 -3.61
C PHE B 328 -31.31 22.65 -4.77
N LEU B 329 -31.98 21.55 -5.08
CA LEU B 329 -31.58 20.74 -6.23
C LEU B 329 -31.72 21.55 -7.52
N GLY B 330 -32.83 22.25 -7.70
CA GLY B 330 -32.99 23.05 -8.89
C GLY B 330 -31.94 24.14 -9.00
N ILE B 331 -31.71 24.87 -7.92
CA ILE B 331 -30.68 25.90 -7.93
C ILE B 331 -29.30 25.26 -8.06
N ALA B 332 -29.11 24.08 -7.47
CA ALA B 332 -27.82 23.41 -7.55
C ALA B 332 -27.48 23.04 -8.99
N TYR B 333 -28.42 22.38 -9.69
CA TYR B 333 -28.15 21.96 -11.06
C TYR B 333 -27.90 23.15 -11.97
N ILE B 334 -28.63 24.24 -11.77
CA ILE B 334 -28.28 25.48 -12.46
C ILE B 334 -26.86 25.90 -12.06
N ALA B 335 -26.54 25.81 -10.77
CA ALA B 335 -25.25 26.29 -10.28
C ALA B 335 -24.11 25.44 -10.80
N VAL B 336 -24.18 24.13 -10.65
CA VAL B 336 -23.11 23.27 -11.15
C VAL B 336 -23.19 23.13 -12.66
N GLY B 337 -24.42 23.08 -13.20
CA GLY B 337 -24.57 23.01 -14.64
C GLY B 337 -23.91 24.18 -15.34
N SER B 338 -24.06 25.38 -14.79
CA SER B 338 -23.36 26.54 -15.34
C SER B 338 -21.85 26.40 -15.15
N ILE B 339 -21.42 26.05 -13.94
CA ILE B 339 -19.99 25.92 -13.67
C ILE B 339 -19.38 24.84 -14.56
N SER B 340 -20.14 23.79 -14.87
CA SER B 340 -19.68 22.82 -15.86
C SER B 340 -19.45 23.50 -17.20
N PHE B 341 -20.37 24.36 -17.62
CA PHE B 341 -20.18 25.12 -18.86
C PHE B 341 -19.03 26.11 -18.71
N LEU B 342 -19.00 26.85 -17.60
CA LEU B 342 -17.89 27.77 -17.38
C LEU B 342 -16.56 27.03 -17.31
N LEU B 343 -16.52 25.88 -16.64
CA LEU B 343 -15.32 25.06 -16.69
C LEU B 343 -15.02 24.62 -18.11
N GLY B 344 -16.05 24.21 -18.85
CA GLY B 344 -15.82 23.75 -20.22
C GLY B 344 -15.29 24.85 -21.11
N VAL B 345 -15.89 26.04 -21.05
CA VAL B 345 -15.44 27.14 -21.89
C VAL B 345 -14.11 27.70 -21.41
N VAL B 346 -13.77 27.51 -20.13
CA VAL B 346 -12.44 27.90 -19.67
C VAL B 346 -11.38 27.03 -20.33
N LEU B 347 -11.63 25.73 -20.43
CA LEU B 347 -10.60 24.80 -20.86
C LEU B 347 -10.19 25.01 -22.31
N LEU B 348 -11.07 25.57 -23.15
CA LEU B 348 -10.74 25.68 -24.57
C LEU B 348 -9.56 26.63 -24.78
N VAL B 349 -9.52 27.72 -24.02
CA VAL B 349 -8.46 28.72 -24.22
C VAL B 349 -7.10 28.11 -23.92
N ILE B 350 -7.00 27.39 -22.81
CA ILE B 350 -5.73 26.76 -22.44
C ILE B 350 -5.31 25.76 -23.51
N ASN B 351 -6.26 25.00 -24.03
CA ASN B 351 -5.95 24.04 -25.09
C ASN B 351 -5.44 24.75 -26.34
N HIS B 352 -6.12 25.82 -26.75
CA HIS B 352 -5.70 26.54 -27.94
C HIS B 352 -4.34 27.20 -27.74
N LYS B 353 -4.13 27.79 -26.56
CA LYS B 353 -2.85 28.45 -26.29
C LYS B 353 -1.70 27.46 -26.30
N TYR B 354 -1.90 26.28 -25.72
CA TYR B 354 -0.86 25.26 -25.63
C TYR B 354 -1.03 24.16 -26.67
N ARG B 355 -1.49 24.53 -27.87
CA ARG B 355 -1.65 23.57 -28.95
C ARG B 355 -0.30 23.24 -29.58
#